data_1O24
#
_entry.id   1O24
#
_cell.length_a   54.480
_cell.length_b   116.639
_cell.length_c   142.252
_cell.angle_alpha   90.00
_cell.angle_beta   90.00
_cell.angle_gamma   90.00
#
_symmetry.space_group_name_H-M   'P 21 21 21'
#
loop_
_entity.id
_entity.type
_entity.pdbx_description
1 polymer 'Thymidylate synthase thyX'
2 water water
#
_entity_poly.entity_id   1
_entity_poly.type   'polypeptide(L)'
_entity_poly.pdbx_seq_one_letter_code
;MGSDKIHHHHHHMKIDILDKGFVELVDVMGNDLSAVRAARVSFDMGLKDEERDRHLIEYLMKHGHETPFEHIVFTFHVKA
PIFVARQWFRHRIASYNELSGRYSKLSYEFYIPSPERLEGYKTTIPPERVTEKISEIVDKAYRTYLELIESGVPREVARI
VLPLNLYTRFFWTVNARSLMNFLNLRADSHAQWEIQQYALAIARIFKEKCPWTFEAFLKYAYKGDILKEVQV
;
_entity_poly.pdbx_strand_id   A,B,C,D
#
# COMPACT_ATOMS: atom_id res chain seq x y z
N HIS A 11 -25.38 -15.44 -5.31
CA HIS A 11 -24.82 -15.04 -6.64
C HIS A 11 -23.56 -15.81 -7.02
N HIS A 12 -23.44 -16.08 -8.32
CA HIS A 12 -22.28 -16.79 -8.87
C HIS A 12 -21.81 -18.02 -8.11
N MET A 13 -20.57 -18.42 -8.41
CA MET A 13 -19.94 -19.58 -7.81
C MET A 13 -19.92 -19.57 -6.29
N LYS A 14 -20.12 -20.75 -5.70
CA LYS A 14 -20.09 -20.89 -4.26
C LYS A 14 -19.53 -22.27 -3.95
N ILE A 15 -18.53 -22.32 -3.08
CA ILE A 15 -17.92 -23.58 -2.67
C ILE A 15 -18.00 -23.66 -1.16
N ASP A 16 -18.58 -24.74 -0.66
CA ASP A 16 -18.70 -24.92 0.78
C ASP A 16 -17.37 -25.42 1.37
N ILE A 17 -16.96 -24.82 2.49
CA ILE A 17 -15.71 -25.19 3.13
C ILE A 17 -16.02 -25.56 4.59
N LEU A 18 -15.29 -26.52 5.13
CA LEU A 18 -15.51 -26.94 6.51
C LEU A 18 -16.97 -27.36 6.67
N ASP A 19 -17.49 -27.32 7.89
CA ASP A 19 -18.87 -27.73 8.14
C ASP A 19 -19.95 -26.71 7.82
N LYS A 20 -19.64 -25.42 8.02
CA LYS A 20 -20.62 -24.36 7.75
C LYS A 20 -20.06 -23.18 6.98
N GLY A 21 -18.81 -23.29 6.53
CA GLY A 21 -18.19 -22.20 5.81
C GLY A 21 -18.39 -22.22 4.31
N PHE A 22 -17.92 -21.16 3.64
CA PHE A 22 -18.02 -21.08 2.20
C PHE A 22 -17.21 -19.94 1.62
N VAL A 23 -17.00 -20.02 0.32
CA VAL A 23 -16.31 -18.99 -0.44
C VAL A 23 -17.24 -18.75 -1.64
N GLU A 24 -17.75 -17.54 -1.75
CA GLU A 24 -18.69 -17.20 -2.82
C GLU A 24 -18.12 -16.09 -3.69
N LEU A 25 -18.19 -16.28 -5.01
CA LEU A 25 -17.69 -15.28 -5.92
C LEU A 25 -18.80 -14.25 -6.11
N VAL A 26 -18.52 -13.01 -5.73
CA VAL A 26 -19.48 -11.93 -5.84
C VAL A 26 -19.41 -11.25 -7.21
N ASP A 27 -18.19 -10.90 -7.63
CA ASP A 27 -18.01 -10.22 -8.90
C ASP A 27 -16.57 -10.40 -9.38
N VAL A 28 -16.33 -10.12 -10.66
CA VAL A 28 -15.00 -10.23 -11.24
C VAL A 28 -14.86 -9.17 -12.32
N MET A 29 -13.76 -8.41 -12.29
CA MET A 29 -13.53 -7.43 -13.32
C MET A 29 -12.44 -7.95 -14.25
N GLY A 30 -12.80 -8.13 -15.51
CA GLY A 30 -11.85 -8.62 -16.50
C GLY A 30 -11.67 -10.12 -16.58
N ASN A 31 -10.61 -10.51 -17.28
CA ASN A 31 -10.24 -11.90 -17.48
C ASN A 31 -8.78 -11.87 -17.91
N ASP A 32 -8.27 -13.00 -18.41
CA ASP A 32 -6.88 -13.06 -18.85
C ASP A 32 -6.51 -11.94 -19.81
N LEU A 33 -7.43 -11.59 -20.71
CA LEU A 33 -7.18 -10.54 -21.68
C LEU A 33 -6.96 -9.17 -21.06
N SER A 34 -7.47 -8.98 -19.85
CA SER A 34 -7.30 -7.70 -19.16
C SER A 34 -5.81 -7.47 -18.85
N ALA A 35 -5.08 -8.54 -18.55
CA ALA A 35 -3.67 -8.43 -18.24
C ALA A 35 -2.92 -8.10 -19.53
N VAL A 36 -3.31 -8.77 -20.61
CA VAL A 36 -2.70 -8.54 -21.91
C VAL A 36 -2.85 -7.07 -22.32
N ARG A 37 -4.07 -6.55 -22.25
CA ARG A 37 -4.31 -5.15 -22.60
C ARG A 37 -3.47 -4.21 -21.76
N ALA A 38 -3.46 -4.42 -20.45
CA ALA A 38 -2.68 -3.56 -19.57
C ALA A 38 -1.19 -3.67 -19.90
N ALA A 39 -0.71 -4.88 -20.13
CA ALA A 39 0.69 -5.08 -20.46
C ALA A 39 1.10 -4.31 -21.72
N ARG A 40 0.22 -4.30 -22.72
CA ARG A 40 0.51 -3.58 -23.96
C ARG A 40 0.05 -2.14 -23.83
N VAL A 41 -0.69 -1.86 -22.76
CA VAL A 41 -1.21 -0.53 -22.51
C VAL A 41 -2.01 -0.07 -23.72
N SER A 42 -3.04 -0.83 -24.06
CA SER A 42 -3.85 -0.44 -25.21
C SER A 42 -5.23 -1.10 -25.21
N PHE A 43 -6.25 -0.31 -25.53
CA PHE A 43 -7.62 -0.82 -25.59
C PHE A 43 -7.93 -1.17 -27.05
N ASP A 44 -7.45 -0.33 -27.96
CA ASP A 44 -7.66 -0.53 -29.39
C ASP A 44 -6.66 -1.55 -29.93
N MET A 45 -5.41 -1.46 -29.47
CA MET A 45 -4.37 -2.38 -29.88
C MET A 45 -3.99 -3.30 -28.72
N GLY A 46 -4.98 -3.67 -27.91
CA GLY A 46 -4.72 -4.54 -26.78
C GLY A 46 -4.26 -5.91 -27.23
N GLU A 51 -2.26 -18.58 -29.92
CA GLU A 51 -2.42 -17.16 -29.61
C GLU A 51 -1.13 -16.54 -29.11
N ARG A 52 -0.87 -15.31 -29.55
CA ARG A 52 0.32 -14.58 -29.13
C ARG A 52 0.02 -14.01 -27.74
N ASP A 53 -1.27 -13.91 -27.42
CA ASP A 53 -1.69 -13.37 -26.12
C ASP A 53 -1.40 -14.33 -24.98
N ARG A 54 -1.68 -15.62 -25.19
CA ARG A 54 -1.42 -16.60 -24.15
C ARG A 54 0.08 -16.70 -23.95
N HIS A 55 0.82 -16.43 -25.02
CA HIS A 55 2.27 -16.47 -24.98
C HIS A 55 2.77 -15.29 -24.14
N LEU A 56 2.07 -14.17 -24.25
CA LEU A 56 2.43 -12.97 -23.49
C LEU A 56 2.23 -13.22 -22.00
N ILE A 57 1.10 -13.86 -21.68
CA ILE A 57 0.78 -14.18 -20.29
C ILE A 57 1.91 -15.01 -19.70
N GLU A 58 2.37 -16.02 -20.42
CA GLU A 58 3.45 -16.87 -19.92
C GLU A 58 4.73 -16.08 -19.75
N TYR A 59 5.03 -15.24 -20.73
CA TYR A 59 6.23 -14.41 -20.72
C TYR A 59 6.25 -13.51 -19.47
N LEU A 60 5.15 -12.82 -19.21
CA LEU A 60 5.03 -11.95 -18.05
C LEU A 60 5.24 -12.74 -16.77
N MET A 61 4.62 -13.91 -16.69
CA MET A 61 4.72 -14.75 -15.50
C MET A 61 6.15 -15.26 -15.30
N LYS A 62 6.76 -15.77 -16.36
CA LYS A 62 8.12 -16.29 -16.29
C LYS A 62 9.12 -15.26 -15.77
N HIS A 63 9.02 -14.04 -16.29
CA HIS A 63 9.94 -12.97 -15.91
C HIS A 63 9.53 -12.14 -14.70
N GLY A 64 8.40 -12.50 -14.09
CA GLY A 64 7.96 -11.76 -12.93
C GLY A 64 7.38 -10.39 -13.20
N HIS A 65 6.83 -10.17 -14.39
CA HIS A 65 6.20 -8.89 -14.71
C HIS A 65 4.77 -9.00 -14.20
N GLU A 66 4.61 -8.82 -12.90
CA GLU A 66 3.31 -8.96 -12.24
C GLU A 66 2.32 -7.80 -12.30
N THR A 67 2.79 -6.61 -12.62
CA THR A 67 1.89 -5.45 -12.64
C THR A 67 0.66 -5.56 -13.54
N PRO A 68 0.77 -6.22 -14.71
CA PRO A 68 -0.41 -6.34 -15.58
C PRO A 68 -1.55 -7.11 -14.91
N PHE A 69 -1.19 -8.06 -14.06
CA PHE A 69 -2.18 -8.87 -13.38
C PHE A 69 -2.96 -8.11 -12.29
N GLU A 70 -2.52 -6.91 -11.99
CA GLU A 70 -3.21 -6.08 -11.00
C GLU A 70 -4.51 -5.52 -11.62
N HIS A 71 -4.66 -5.67 -12.94
CA HIS A 71 -5.85 -5.16 -13.60
C HIS A 71 -6.99 -6.16 -13.75
N ILE A 72 -6.84 -7.29 -13.07
CA ILE A 72 -7.87 -8.33 -13.03
C ILE A 72 -8.26 -8.26 -11.55
N VAL A 73 -9.54 -8.11 -11.25
CA VAL A 73 -9.96 -7.98 -9.87
C VAL A 73 -11.13 -8.90 -9.52
N PHE A 74 -11.10 -9.45 -8.31
CA PHE A 74 -12.17 -10.33 -7.84
C PHE A 74 -12.77 -9.80 -6.54
N THR A 75 -14.05 -10.10 -6.32
CA THR A 75 -14.70 -9.77 -5.08
C THR A 75 -15.31 -11.07 -4.57
N PHE A 76 -14.89 -11.52 -3.39
CA PHE A 76 -15.42 -12.75 -2.78
C PHE A 76 -16.18 -12.44 -1.50
N HIS A 77 -17.08 -13.35 -1.12
CA HIS A 77 -17.85 -13.23 0.11
C HIS A 77 -17.43 -14.52 0.81
N VAL A 78 -16.75 -14.38 1.94
CA VAL A 78 -16.26 -15.52 2.67
C VAL A 78 -16.86 -15.70 4.05
N LYS A 79 -17.18 -16.94 4.38
CA LYS A 79 -17.70 -17.29 5.70
C LYS A 79 -16.68 -18.28 6.28
N ALA A 80 -15.97 -17.85 7.30
CA ALA A 80 -14.93 -18.66 7.91
C ALA A 80 -14.76 -18.40 9.40
N PRO A 81 -14.14 -19.36 10.11
CA PRO A 81 -13.90 -19.21 11.55
C PRO A 81 -12.95 -18.04 11.73
N ILE A 82 -13.05 -17.37 12.87
CA ILE A 82 -12.19 -16.25 13.13
C ILE A 82 -10.69 -16.61 13.08
N PHE A 83 -10.28 -17.78 13.58
CA PHE A 83 -8.86 -18.11 13.51
C PHE A 83 -8.37 -18.19 12.06
N VAL A 84 -9.25 -18.54 11.13
CA VAL A 84 -8.88 -18.58 9.72
C VAL A 84 -8.86 -17.15 9.17
N ALA A 85 -9.88 -16.38 9.54
CA ALA A 85 -9.98 -15.00 9.08
C ALA A 85 -8.77 -14.17 9.50
N ARG A 86 -8.30 -14.35 10.74
CA ARG A 86 -7.16 -13.59 11.23
C ARG A 86 -5.90 -13.88 10.39
N GLN A 87 -5.71 -15.14 10.03
CA GLN A 87 -4.56 -15.51 9.20
C GLN A 87 -4.75 -14.87 7.83
N TRP A 88 -5.97 -14.95 7.32
CA TRP A 88 -6.32 -14.40 6.01
C TRP A 88 -6.11 -12.89 5.91
N PHE A 89 -6.58 -12.18 6.92
CA PHE A 89 -6.48 -10.72 6.97
C PHE A 89 -5.05 -10.19 7.00
N ARG A 90 -4.08 -11.05 7.26
CA ARG A 90 -2.70 -10.59 7.28
C ARG A 90 -2.25 -10.15 5.87
N HIS A 91 -3.05 -10.51 4.86
CA HIS A 91 -2.74 -10.13 3.48
C HIS A 91 -3.31 -8.73 3.27
N ARG A 92 -2.45 -7.75 3.51
CA ARG A 92 -2.79 -6.32 3.44
C ARG A 92 -3.14 -5.68 2.10
N ILE A 93 -2.62 -6.22 1.01
CA ILE A 93 -2.88 -5.66 -0.31
C ILE A 93 -4.22 -6.18 -0.85
N ALA A 94 -5.29 -5.63 -0.29
CA ALA A 94 -6.65 -6.00 -0.65
C ALA A 94 -7.62 -5.18 0.19
N SER A 95 -8.91 -5.30 -0.12
CA SER A 95 -9.93 -4.56 0.60
C SER A 95 -10.83 -5.55 1.33
N TYR A 96 -11.06 -5.29 2.63
CA TYR A 96 -11.88 -6.17 3.43
C TYR A 96 -13.03 -5.42 4.09
N ASN A 97 -14.15 -6.12 4.27
CA ASN A 97 -15.31 -5.58 4.95
C ASN A 97 -15.92 -6.75 5.72
N GLU A 98 -15.67 -6.77 7.02
CA GLU A 98 -16.16 -7.84 7.89
C GLU A 98 -17.48 -7.52 8.56
N LEU A 99 -18.30 -8.55 8.74
CA LEU A 99 -19.62 -8.41 9.37
C LEU A 99 -19.53 -7.81 10.76
N SER A 100 -20.56 -7.04 11.13
CA SER A 100 -20.62 -6.42 12.45
C SER A 100 -22.01 -5.86 12.72
N LEU A 106 -26.56 -10.94 12.51
CA LEU A 106 -25.50 -11.55 13.31
C LEU A 106 -25.92 -12.89 13.91
N SER A 107 -25.60 -13.97 13.22
CA SER A 107 -25.92 -15.30 13.70
C SER A 107 -24.69 -15.86 14.41
N TYR A 108 -24.86 -16.96 15.13
CA TYR A 108 -23.74 -17.54 15.86
C TYR A 108 -23.54 -19.02 15.58
N GLU A 109 -22.52 -19.32 14.77
CA GLU A 109 -22.19 -20.69 14.42
C GLU A 109 -20.70 -20.89 14.65
N PHE A 110 -20.30 -22.13 14.90
CA PHE A 110 -18.91 -22.44 15.18
C PHE A 110 -18.42 -23.62 14.38
N TYR A 111 -17.13 -23.62 14.08
CA TYR A 111 -16.50 -24.70 13.34
C TYR A 111 -16.12 -25.82 14.30
N ILE A 112 -16.73 -26.99 14.10
CA ILE A 112 -16.46 -28.17 14.92
C ILE A 112 -15.71 -29.15 14.03
N PRO A 113 -14.41 -29.38 14.31
CA PRO A 113 -13.61 -30.30 13.51
C PRO A 113 -14.21 -31.70 13.46
N SER A 114 -14.14 -32.36 12.30
CA SER A 114 -14.66 -33.71 12.20
C SER A 114 -13.59 -34.64 12.78
N PRO A 115 -13.99 -35.83 13.22
CA PRO A 115 -13.05 -36.79 13.79
C PRO A 115 -11.87 -37.06 12.86
N GLU A 116 -12.12 -37.11 11.55
CA GLU A 116 -11.06 -37.36 10.57
C GLU A 116 -10.01 -36.27 10.57
N ARG A 117 -10.40 -35.06 10.96
CA ARG A 117 -9.46 -33.94 10.98
C ARG A 117 -8.26 -34.33 11.83
N LEU A 118 -8.49 -35.20 12.83
CA LEU A 118 -7.39 -35.65 13.69
C LEU A 118 -6.67 -36.82 13.04
N GLU A 119 -6.66 -36.82 11.71
CA GLU A 119 -6.03 -37.87 10.93
C GLU A 119 -4.51 -37.91 11.11
N GLY A 120 -4.00 -39.01 11.65
CA GLY A 120 -2.57 -39.14 11.83
C GLY A 120 -2.09 -38.89 13.24
N TYR A 121 -2.91 -38.24 14.06
CA TYR A 121 -2.50 -37.97 15.43
C TYR A 121 -3.00 -39.06 16.35
N LYS A 122 -2.08 -39.66 17.10
CA LYS A 122 -2.44 -40.71 18.04
C LYS A 122 -2.91 -40.04 19.31
N THR A 123 -4.21 -39.73 19.36
CA THR A 123 -4.80 -39.08 20.52
C THR A 123 -5.15 -40.06 21.63
N THR A 124 -4.87 -39.67 22.87
CA THR A 124 -5.15 -40.50 24.04
C THR A 124 -6.60 -40.94 24.03
N ILE A 125 -7.50 -40.04 23.65
CA ILE A 125 -8.92 -40.37 23.61
C ILE A 125 -9.37 -40.48 22.16
N PRO A 126 -10.55 -41.07 21.92
CA PRO A 126 -11.08 -41.22 20.56
C PRO A 126 -11.27 -39.87 19.84
N PRO A 127 -11.18 -39.88 18.51
CA PRO A 127 -11.35 -38.64 17.73
C PRO A 127 -12.74 -38.10 17.99
N GLU A 128 -13.72 -39.01 18.02
CA GLU A 128 -15.10 -38.67 18.25
C GLU A 128 -15.24 -37.85 19.52
N ARG A 129 -14.52 -38.26 20.56
CA ARG A 129 -14.55 -37.57 21.85
C ARG A 129 -13.92 -36.19 21.78
N VAL A 130 -12.86 -36.04 20.99
CA VAL A 130 -12.21 -34.73 20.87
C VAL A 130 -13.21 -33.77 20.24
N THR A 131 -13.91 -34.26 19.23
CA THR A 131 -14.93 -33.46 18.55
C THR A 131 -16.03 -33.08 19.56
N GLU A 132 -16.35 -34.02 20.44
CA GLU A 132 -17.36 -33.78 21.47
C GLU A 132 -16.90 -32.76 22.50
N LYS A 133 -15.67 -32.88 22.97
CA LYS A 133 -15.16 -31.92 23.95
C LYS A 133 -15.21 -30.51 23.37
N ILE A 134 -14.83 -30.38 22.10
CA ILE A 134 -14.85 -29.09 21.44
C ILE A 134 -16.28 -28.55 21.35
N SER A 135 -17.23 -29.41 21.00
CA SER A 135 -18.61 -28.97 20.91
C SER A 135 -19.12 -28.49 22.27
N GLU A 136 -18.66 -29.15 23.32
CA GLU A 136 -19.07 -28.83 24.69
C GLU A 136 -18.62 -27.45 25.20
N ILE A 137 -17.34 -27.13 25.13
CA ILE A 137 -16.93 -25.80 25.63
C ILE A 137 -17.54 -24.73 24.75
N VAL A 138 -17.69 -25.02 23.46
CA VAL A 138 -18.30 -24.05 22.55
C VAL A 138 -19.70 -23.78 23.11
N ASP A 139 -20.41 -24.86 23.42
CA ASP A 139 -21.74 -24.77 23.98
C ASP A 139 -21.76 -23.90 25.22
N LYS A 140 -20.90 -24.23 26.19
CA LYS A 140 -20.84 -23.48 27.44
C LYS A 140 -20.50 -22.01 27.25
N ALA A 141 -19.54 -21.72 26.38
CA ALA A 141 -19.14 -20.35 26.10
C ALA A 141 -20.32 -19.57 25.51
N TYR A 142 -21.01 -20.18 24.56
CA TYR A 142 -22.13 -19.55 23.89
C TYR A 142 -23.29 -19.30 24.86
N ARG A 143 -23.60 -20.28 25.69
CA ARG A 143 -24.69 -20.11 26.65
C ARG A 143 -24.34 -19.00 27.65
N THR A 144 -23.06 -18.89 28.00
CA THR A 144 -22.63 -17.85 28.92
C THR A 144 -22.79 -16.50 28.24
N TYR A 145 -22.49 -16.46 26.94
CA TYR A 145 -22.62 -15.25 26.15
C TYR A 145 -24.07 -14.75 26.15
N LEU A 146 -25.00 -15.65 25.83
CA LEU A 146 -26.42 -15.29 25.77
C LEU A 146 -26.91 -14.82 27.13
N GLU A 147 -26.38 -15.41 28.18
CA GLU A 147 -26.75 -15.04 29.53
C GLU A 147 -26.30 -13.61 29.85
N LEU A 148 -25.05 -13.28 29.50
CA LEU A 148 -24.55 -11.94 29.76
C LEU A 148 -25.37 -10.94 28.97
N ILE A 149 -25.70 -11.28 27.72
CA ILE A 149 -26.50 -10.41 26.87
C ILE A 149 -27.85 -10.11 27.53
N GLU A 150 -28.57 -11.17 27.89
CA GLU A 150 -29.89 -11.05 28.51
C GLU A 150 -29.88 -10.15 29.74
N SER A 151 -28.79 -10.18 30.50
CA SER A 151 -28.69 -9.35 31.70
C SER A 151 -28.29 -7.90 31.40
N GLY A 152 -28.29 -7.52 30.13
CA GLY A 152 -27.94 -6.16 29.78
C GLY A 152 -26.49 -5.87 29.46
N VAL A 153 -25.64 -6.89 29.45
CA VAL A 153 -24.23 -6.68 29.14
C VAL A 153 -24.09 -6.33 27.65
N PRO A 154 -23.31 -5.28 27.35
CA PRO A 154 -23.07 -4.82 25.98
C PRO A 154 -22.50 -5.94 25.12
N ARG A 155 -23.00 -6.05 23.90
CA ARG A 155 -22.56 -7.09 22.97
C ARG A 155 -21.03 -7.07 22.77
N GLU A 156 -20.45 -5.88 22.60
CA GLU A 156 -19.01 -5.77 22.41
C GLU A 156 -18.22 -6.34 23.59
N VAL A 157 -18.84 -6.35 24.75
CA VAL A 157 -18.21 -6.88 25.95
C VAL A 157 -18.49 -8.38 26.11
N ALA A 158 -19.75 -8.76 26.05
CA ALA A 158 -20.14 -10.16 26.21
C ALA A 158 -19.50 -11.10 25.19
N ARG A 159 -19.32 -10.62 23.97
CA ARG A 159 -18.76 -11.45 22.91
C ARG A 159 -17.32 -11.91 23.12
N ILE A 160 -16.59 -11.26 24.03
CA ILE A 160 -15.20 -11.64 24.25
C ILE A 160 -14.98 -13.04 24.84
N VAL A 161 -16.04 -13.67 25.32
CA VAL A 161 -15.90 -15.02 25.87
C VAL A 161 -16.12 -16.08 24.78
N LEU A 162 -16.54 -15.64 23.60
CA LEU A 162 -16.78 -16.56 22.48
C LEU A 162 -15.44 -17.07 21.93
N PRO A 163 -15.38 -18.36 21.57
CA PRO A 163 -14.19 -19.01 21.04
C PRO A 163 -13.76 -18.61 19.62
N LEU A 164 -12.47 -18.81 19.33
CA LEU A 164 -11.90 -18.45 18.03
C LEU A 164 -12.45 -19.23 16.83
N ASN A 165 -13.29 -20.23 17.08
CA ASN A 165 -13.86 -21.00 15.99
C ASN A 165 -15.22 -20.46 15.58
N LEU A 166 -15.58 -19.31 16.14
CA LEU A 166 -16.83 -18.65 15.80
C LEU A 166 -16.72 -18.22 14.34
N TYR A 167 -17.78 -18.42 13.57
CA TYR A 167 -17.78 -18.03 12.17
C TYR A 167 -18.03 -16.55 11.98
N THR A 168 -17.27 -15.96 11.07
CA THR A 168 -17.45 -14.56 10.73
C THR A 168 -17.60 -14.55 9.22
N ARG A 169 -17.97 -13.41 8.66
CA ARG A 169 -18.12 -13.30 7.22
C ARG A 169 -17.54 -11.98 6.77
N PHE A 170 -17.05 -11.93 5.54
CA PHE A 170 -16.48 -10.72 5.01
C PHE A 170 -16.41 -10.74 3.51
N PHE A 171 -16.33 -9.55 2.93
CA PHE A 171 -16.19 -9.36 1.50
C PHE A 171 -14.70 -9.09 1.34
N TRP A 172 -14.12 -9.64 0.27
CA TRP A 172 -12.70 -9.49 -0.01
C TRP A 172 -12.55 -9.12 -1.48
N THR A 173 -12.04 -7.92 -1.76
CA THR A 173 -11.81 -7.48 -3.14
C THR A 173 -10.30 -7.47 -3.29
N VAL A 174 -9.81 -8.24 -4.24
CA VAL A 174 -8.38 -8.44 -4.45
C VAL A 174 -8.02 -8.62 -5.93
N ASN A 175 -6.90 -8.06 -6.36
CA ASN A 175 -6.51 -8.22 -7.76
C ASN A 175 -5.74 -9.54 -7.93
N ALA A 176 -5.64 -10.02 -9.16
CA ALA A 176 -4.97 -11.30 -9.44
C ALA A 176 -3.53 -11.43 -8.96
N ARG A 177 -2.79 -10.33 -8.94
CA ARG A 177 -1.40 -10.41 -8.51
C ARG A 177 -1.36 -10.68 -7.01
N SER A 178 -2.17 -9.96 -6.27
CA SER A 178 -2.21 -10.12 -4.84
C SER A 178 -2.80 -11.50 -4.51
N LEU A 179 -3.74 -11.97 -5.34
CA LEU A 179 -4.34 -13.28 -5.12
C LEU A 179 -3.30 -14.41 -5.28
N MET A 180 -2.39 -14.26 -6.23
CA MET A 180 -1.35 -15.28 -6.44
C MET A 180 -0.36 -15.31 -5.27
N ASN A 181 -0.07 -14.15 -4.68
CA ASN A 181 0.83 -14.11 -3.54
C ASN A 181 0.12 -14.79 -2.37
N PHE A 182 -1.20 -14.62 -2.31
CA PHE A 182 -2.02 -15.23 -1.27
C PHE A 182 -1.95 -16.75 -1.37
N LEU A 183 -2.09 -17.26 -2.59
CA LEU A 183 -2.06 -18.69 -2.84
C LEU A 183 -0.68 -19.29 -2.56
N ASN A 184 0.37 -18.54 -2.87
CA ASN A 184 1.73 -19.01 -2.62
C ASN A 184 1.96 -19.34 -1.15
N LEU A 185 1.30 -18.59 -0.26
CA LEU A 185 1.45 -18.79 1.18
C LEU A 185 0.45 -19.74 1.83
N ARG A 186 -0.81 -19.72 1.37
CA ARG A 186 -1.84 -20.54 1.99
C ARG A 186 -2.17 -21.83 1.28
N ALA A 187 -1.97 -21.86 -0.03
CA ALA A 187 -2.23 -23.08 -0.78
C ALA A 187 -0.97 -23.92 -0.65
N ASP A 188 -0.61 -24.25 0.59
CA ASP A 188 0.59 -25.03 0.84
C ASP A 188 0.41 -25.99 2.02
N SER A 189 1.03 -27.16 1.91
CA SER A 189 0.95 -28.18 2.95
C SER A 189 1.47 -27.68 4.30
N HIS A 190 2.32 -26.67 4.28
CA HIS A 190 2.87 -26.12 5.50
C HIS A 190 1.88 -25.17 6.19
N ALA A 191 0.79 -24.85 5.49
CA ALA A 191 -0.23 -23.98 6.06
C ALA A 191 -1.21 -24.88 6.79
N GLN A 192 -1.93 -24.31 7.76
CA GLN A 192 -2.91 -25.09 8.50
C GLN A 192 -3.97 -25.63 7.55
N TRP A 193 -4.36 -26.89 7.75
CA TRP A 193 -5.34 -27.54 6.90
C TRP A 193 -6.58 -26.68 6.63
N GLU A 194 -7.15 -26.09 7.67
CA GLU A 194 -8.34 -25.26 7.49
C GLU A 194 -8.13 -24.15 6.44
N ILE A 195 -7.03 -23.40 6.57
CA ILE A 195 -6.76 -22.31 5.61
C ILE A 195 -6.43 -22.89 4.24
N GLN A 196 -5.86 -24.10 4.22
CA GLN A 196 -5.56 -24.72 2.95
C GLN A 196 -6.85 -24.92 2.16
N GLN A 197 -7.87 -25.41 2.85
CA GLN A 197 -9.16 -25.67 2.23
C GLN A 197 -9.75 -24.43 1.58
N TYR A 198 -9.66 -23.29 2.26
CA TYR A 198 -10.17 -22.05 1.72
C TYR A 198 -9.32 -21.61 0.52
N ALA A 199 -8.01 -21.77 0.63
CA ALA A 199 -7.12 -21.39 -0.46
C ALA A 199 -7.41 -22.25 -1.70
N LEU A 200 -7.73 -23.52 -1.48
CA LEU A 200 -8.08 -24.41 -2.59
C LEU A 200 -9.32 -23.89 -3.29
N ALA A 201 -10.29 -23.41 -2.51
CA ALA A 201 -11.52 -22.88 -3.09
C ALA A 201 -11.26 -21.60 -3.88
N ILE A 202 -10.42 -20.73 -3.33
CA ILE A 202 -10.07 -19.47 -3.99
C ILE A 202 -9.34 -19.79 -5.31
N ALA A 203 -8.41 -20.73 -5.26
CA ALA A 203 -7.64 -21.12 -6.45
C ALA A 203 -8.60 -21.66 -7.51
N ARG A 204 -9.58 -22.42 -7.06
CA ARG A 204 -10.58 -23.01 -7.94
C ARG A 204 -11.35 -21.96 -8.74
N ILE A 205 -11.79 -20.92 -8.06
CA ILE A 205 -12.54 -19.85 -8.70
C ILE A 205 -11.62 -19.04 -9.62
N PHE A 206 -10.40 -18.79 -9.15
CA PHE A 206 -9.41 -18.05 -9.91
C PHE A 206 -9.15 -18.79 -11.23
N LYS A 207 -8.99 -20.11 -11.12
CA LYS A 207 -8.75 -20.96 -12.27
C LYS A 207 -9.91 -20.86 -13.27
N GLU A 208 -11.11 -20.90 -12.74
CA GLU A 208 -12.33 -20.83 -13.55
C GLU A 208 -12.45 -19.56 -14.38
N LYS A 209 -12.14 -18.41 -13.76
CA LYS A 209 -12.26 -17.12 -14.42
C LYS A 209 -11.05 -16.63 -15.21
N CYS A 210 -9.88 -17.18 -14.89
CA CYS A 210 -8.63 -16.78 -15.56
C CYS A 210 -7.78 -18.02 -15.84
N PRO A 211 -8.22 -18.87 -16.78
CA PRO A 211 -7.53 -20.11 -17.16
C PRO A 211 -6.05 -19.95 -17.49
N TRP A 212 -5.74 -19.08 -18.44
CA TRP A 212 -4.36 -18.85 -18.87
C TRP A 212 -3.45 -18.34 -17.77
N THR A 213 -3.94 -17.33 -17.04
CA THR A 213 -3.15 -16.77 -15.96
C THR A 213 -2.90 -17.83 -14.90
N PHE A 214 -3.94 -18.57 -14.53
CA PHE A 214 -3.79 -19.59 -13.50
C PHE A 214 -2.82 -20.69 -13.94
N GLU A 215 -2.96 -21.16 -15.16
CA GLU A 215 -2.08 -22.21 -15.67
C GLU A 215 -0.62 -21.72 -15.70
N ALA A 216 -0.41 -20.51 -16.20
CA ALA A 216 0.93 -19.96 -16.28
C ALA A 216 1.48 -19.80 -14.86
N PHE A 217 0.62 -19.40 -13.93
CA PHE A 217 1.00 -19.22 -12.53
C PHE A 217 1.53 -20.53 -11.95
N LEU A 218 0.83 -21.64 -12.20
CA LEU A 218 1.24 -22.94 -11.69
C LEU A 218 2.55 -23.38 -12.36
N LYS A 219 2.67 -23.10 -13.65
CA LYS A 219 3.85 -23.47 -14.42
C LYS A 219 5.15 -22.78 -14.03
N TYR A 220 5.10 -21.47 -13.82
CA TYR A 220 6.32 -20.73 -13.51
C TYR A 220 6.46 -20.09 -12.15
N ALA A 221 5.36 -19.60 -11.57
CA ALA A 221 5.45 -18.90 -10.31
C ALA A 221 4.92 -19.54 -9.04
N TYR A 222 4.00 -20.49 -9.15
CA TYR A 222 3.44 -21.12 -7.95
C TYR A 222 4.53 -21.70 -7.05
N LYS A 223 4.59 -21.22 -5.81
CA LYS A 223 5.59 -21.68 -4.86
C LYS A 223 5.09 -22.76 -3.91
N GLY A 224 3.77 -22.90 -3.79
CA GLY A 224 3.20 -23.92 -2.91
C GLY A 224 3.34 -25.33 -3.45
N ASP A 225 2.64 -26.29 -2.87
CA ASP A 225 2.74 -27.68 -3.33
C ASP A 225 1.44 -28.46 -3.45
N ILE A 226 0.32 -27.88 -3.01
CA ILE A 226 -0.94 -28.60 -3.06
C ILE A 226 -1.81 -28.39 -4.30
N LEU A 227 -1.58 -27.32 -5.04
CA LEU A 227 -2.36 -27.05 -6.24
C LEU A 227 -1.93 -27.93 -7.41
N MET B 13 -16.78 4.75 -23.68
CA MET B 13 -16.64 6.16 -23.19
C MET B 13 -15.22 6.67 -23.35
N LYS B 14 -15.06 7.71 -24.17
CA LYS B 14 -13.76 8.32 -24.39
C LYS B 14 -13.94 9.84 -24.44
N ILE B 15 -13.38 10.52 -23.44
CA ILE B 15 -13.46 11.97 -23.35
C ILE B 15 -12.12 12.60 -23.72
N ASP B 16 -12.14 13.47 -24.72
CA ASP B 16 -10.93 14.16 -25.19
C ASP B 16 -10.57 15.29 -24.23
N ILE B 17 -9.30 15.34 -23.84
CA ILE B 17 -8.79 16.36 -22.93
C ILE B 17 -7.61 17.09 -23.60
N LEU B 18 -7.49 18.38 -23.33
CA LEU B 18 -6.42 19.19 -23.91
C LEU B 18 -6.42 19.06 -25.45
N ASP B 19 -5.28 19.31 -26.08
CA ASP B 19 -5.23 19.23 -27.53
C ASP B 19 -5.14 17.84 -28.16
N LYS B 20 -4.50 16.88 -27.49
CA LYS B 20 -4.41 15.53 -28.04
C LYS B 20 -4.63 14.43 -27.02
N GLY B 21 -4.94 14.81 -25.79
CA GLY B 21 -5.13 13.81 -24.76
C GLY B 21 -6.52 13.25 -24.63
N PHE B 22 -6.67 12.24 -23.77
CA PHE B 22 -7.95 11.63 -23.53
C PHE B 22 -8.00 10.75 -22.30
N VAL B 23 -9.23 10.46 -21.87
CA VAL B 23 -9.49 9.57 -20.76
C VAL B 23 -10.54 8.64 -21.34
N GLU B 24 -10.27 7.36 -21.26
CA GLU B 24 -11.15 6.35 -21.81
C GLU B 24 -11.41 5.27 -20.76
N LEU B 25 -12.67 4.87 -20.61
CA LEU B 25 -13.01 3.84 -19.64
C LEU B 25 -12.81 2.47 -20.29
N VAL B 26 -11.98 1.64 -19.66
CA VAL B 26 -11.68 0.32 -20.18
C VAL B 26 -12.64 -0.72 -19.60
N ASP B 27 -12.82 -0.68 -18.29
CA ASP B 27 -13.70 -1.64 -17.63
C ASP B 27 -14.13 -1.07 -16.29
N VAL B 28 -15.12 -1.71 -15.68
CA VAL B 28 -15.59 -1.30 -14.36
C VAL B 28 -16.25 -2.46 -13.65
N MET B 29 -15.94 -2.63 -12.38
CA MET B 29 -16.55 -3.71 -11.62
C MET B 29 -17.54 -3.14 -10.61
N GLY B 30 -18.77 -3.61 -10.71
CA GLY B 30 -19.81 -3.19 -9.80
C GLY B 30 -20.41 -1.82 -10.10
N ASN B 31 -21.21 -1.35 -9.16
CA ASN B 31 -21.88 -0.05 -9.26
C ASN B 31 -22.24 0.31 -7.83
N ASP B 32 -23.11 1.31 -7.67
CA ASP B 32 -23.51 1.76 -6.33
C ASP B 32 -23.90 0.62 -5.39
N LEU B 33 -24.58 -0.37 -5.93
CA LEU B 33 -25.03 -1.51 -5.11
C LEU B 33 -23.88 -2.37 -4.60
N SER B 34 -22.73 -2.31 -5.26
CA SER B 34 -21.58 -3.11 -4.81
C SER B 34 -21.14 -2.62 -3.43
N ALA B 35 -21.24 -1.32 -3.18
CA ALA B 35 -20.86 -0.75 -1.89
C ALA B 35 -21.93 -1.08 -0.84
N VAL B 36 -23.18 -1.11 -1.27
CA VAL B 36 -24.26 -1.43 -0.34
C VAL B 36 -24.10 -2.88 0.09
N ARG B 37 -23.84 -3.73 -0.89
CA ARG B 37 -23.64 -5.16 -0.65
C ARG B 37 -22.44 -5.38 0.28
N ALA B 38 -21.36 -4.65 0.03
CA ALA B 38 -20.15 -4.77 0.85
C ALA B 38 -20.42 -4.29 2.27
N ALA B 39 -21.15 -3.20 2.41
CA ALA B 39 -21.45 -2.66 3.73
C ALA B 39 -22.27 -3.66 4.54
N ARG B 40 -23.26 -4.29 3.91
CA ARG B 40 -24.11 -5.26 4.59
C ARG B 40 -23.48 -6.66 4.67
N VAL B 41 -22.42 -6.86 3.90
CA VAL B 41 -21.76 -8.17 3.83
C VAL B 41 -22.85 -9.19 3.54
N SER B 42 -23.54 -9.02 2.42
CA SER B 42 -24.61 -9.91 2.05
C SER B 42 -24.72 -10.06 0.53
N GLU B 50 -34.37 -0.76 -2.47
CA GLU B 50 -34.69 0.34 -3.34
C GLU B 50 -34.14 1.66 -2.82
N GLU B 51 -35.03 2.57 -2.44
CA GLU B 51 -34.59 3.85 -1.93
C GLU B 51 -33.78 3.73 -0.66
N ARG B 52 -33.93 2.62 0.05
CA ARG B 52 -33.19 2.41 1.28
C ARG B 52 -31.71 2.16 0.99
N ASP B 53 -31.43 1.59 -0.18
CA ASP B 53 -30.04 1.33 -0.57
C ASP B 53 -29.33 2.67 -0.80
N ARG B 54 -30.08 3.63 -1.35
CA ARG B 54 -29.54 4.96 -1.60
C ARG B 54 -29.31 5.63 -0.25
N HIS B 55 -30.25 5.43 0.67
CA HIS B 55 -30.16 6.00 2.00
C HIS B 55 -28.90 5.47 2.68
N LEU B 56 -28.61 4.19 2.43
CA LEU B 56 -27.43 3.55 3.01
C LEU B 56 -26.16 4.20 2.44
N ILE B 57 -26.09 4.32 1.12
CA ILE B 57 -24.92 4.93 0.48
C ILE B 57 -24.68 6.30 1.11
N GLU B 58 -25.76 7.06 1.26
CA GLU B 58 -25.67 8.40 1.82
C GLU B 58 -25.17 8.36 3.26
N TYR B 59 -25.69 7.42 4.03
CA TYR B 59 -25.30 7.27 5.43
C TYR B 59 -23.80 6.99 5.56
N LEU B 60 -23.32 6.01 4.78
CA LEU B 60 -21.90 5.65 4.80
C LEU B 60 -21.01 6.84 4.49
N MET B 61 -21.39 7.61 3.47
CA MET B 61 -20.61 8.76 3.04
C MET B 61 -20.61 9.86 4.11
N LYS B 62 -21.77 10.07 4.73
CA LYS B 62 -21.91 11.09 5.76
C LYS B 62 -21.11 10.81 7.03
N HIS B 63 -20.96 9.55 7.40
CA HIS B 63 -20.23 9.21 8.61
C HIS B 63 -18.78 8.77 8.41
N GLY B 64 -18.27 8.87 7.19
CA GLY B 64 -16.88 8.50 6.95
C GLY B 64 -16.55 7.01 6.84
N HIS B 65 -17.55 6.20 6.50
CA HIS B 65 -17.31 4.77 6.34
C HIS B 65 -16.93 4.54 4.88
N GLU B 66 -15.65 4.76 4.58
CA GLU B 66 -15.12 4.64 3.22
C GLU B 66 -14.84 3.23 2.69
N THR B 67 -14.54 2.27 3.57
CA THR B 67 -14.19 0.92 3.10
C THR B 67 -15.17 0.23 2.13
N PRO B 68 -16.49 0.44 2.30
CA PRO B 68 -17.40 -0.22 1.37
C PRO B 68 -17.18 0.21 -0.08
N PHE B 69 -16.74 1.44 -0.28
CA PHE B 69 -16.53 1.95 -1.62
C PHE B 69 -15.29 1.39 -2.31
N GLU B 70 -14.48 0.64 -1.56
CA GLU B 70 -13.28 0.02 -2.12
C GLU B 70 -13.68 -1.16 -3.00
N HIS B 71 -14.93 -1.58 -2.91
CA HIS B 71 -15.43 -2.73 -3.68
C HIS B 71 -16.01 -2.37 -5.06
N ILE B 72 -15.80 -1.13 -5.47
CA ILE B 72 -16.22 -0.67 -6.79
C ILE B 72 -14.87 -0.34 -7.40
N VAL B 73 -14.61 -0.88 -8.58
CA VAL B 73 -13.31 -0.67 -9.21
C VAL B 73 -13.43 -0.23 -10.67
N PHE B 74 -12.50 0.62 -11.11
CA PHE B 74 -12.48 1.09 -12.48
C PHE B 74 -11.11 0.88 -13.09
N THR B 75 -11.09 0.76 -14.41
CA THR B 75 -9.84 0.68 -15.14
C THR B 75 -9.97 1.73 -16.23
N PHE B 76 -9.10 2.73 -16.20
CA PHE B 76 -9.10 3.80 -17.19
C PHE B 76 -7.85 3.70 -18.06
N HIS B 77 -7.97 4.22 -19.28
CA HIS B 77 -6.86 4.29 -20.23
C HIS B 77 -6.70 5.78 -20.41
N VAL B 78 -5.57 6.33 -19.96
CA VAL B 78 -5.32 7.77 -20.04
C VAL B 78 -4.15 8.15 -20.94
N LYS B 79 -4.37 9.16 -21.76
CA LYS B 79 -3.33 9.68 -22.64
C LYS B 79 -3.12 11.11 -22.16
N ALA B 80 -1.96 11.36 -21.57
CA ALA B 80 -1.68 12.69 -21.04
C ALA B 80 -0.22 13.09 -21.10
N PRO B 81 0.05 14.40 -20.96
CA PRO B 81 1.42 14.91 -20.99
C PRO B 81 2.16 14.32 -19.79
N ILE B 82 3.44 14.03 -19.98
CA ILE B 82 4.21 13.45 -18.89
C ILE B 82 4.15 14.28 -17.61
N PHE B 83 4.13 15.61 -17.71
CA PHE B 83 4.10 16.39 -16.47
C PHE B 83 2.79 16.18 -15.70
N VAL B 84 1.73 15.85 -16.42
CA VAL B 84 0.44 15.59 -15.78
C VAL B 84 0.47 14.16 -15.22
N ALA B 85 1.05 13.25 -15.99
CA ALA B 85 1.16 11.87 -15.55
C ALA B 85 1.95 11.79 -14.23
N ARG B 86 3.06 12.50 -14.17
CA ARG B 86 3.88 12.46 -12.96
C ARG B 86 3.10 12.92 -11.73
N GLN B 87 2.29 13.96 -11.88
CA GLN B 87 1.50 14.44 -10.76
C GLN B 87 0.48 13.38 -10.39
N TRP B 88 -0.12 12.78 -11.41
CA TRP B 88 -1.13 11.75 -11.26
C TRP B 88 -0.60 10.53 -10.50
N PHE B 89 0.59 10.06 -10.89
CA PHE B 89 1.18 8.89 -10.28
C PHE B 89 1.48 9.02 -8.80
N ARG B 90 1.37 10.22 -8.24
CA ARG B 90 1.63 10.40 -6.83
C ARG B 90 0.52 9.76 -6.01
N HIS B 91 -0.61 9.46 -6.66
CA HIS B 91 -1.72 8.79 -5.99
C HIS B 91 -1.40 7.30 -6.04
N ARG B 92 -0.62 6.85 -5.05
CA ARG B 92 -0.12 5.47 -4.94
C ARG B 92 -1.07 4.32 -4.70
N ILE B 93 -2.27 4.59 -4.17
CA ILE B 93 -3.22 3.51 -3.88
C ILE B 93 -4.02 3.20 -5.14
N ALA B 94 -3.33 2.60 -6.10
CA ALA B 94 -3.93 2.25 -7.37
C ALA B 94 -2.89 1.47 -8.18
N SER B 95 -3.29 0.98 -9.34
CA SER B 95 -2.39 0.23 -10.19
C SER B 95 -2.20 0.98 -11.50
N TYR B 96 -0.94 1.16 -11.91
CA TYR B 96 -0.64 1.87 -13.15
C TYR B 96 0.28 1.06 -14.06
N ASN B 97 0.00 1.09 -15.35
CA ASN B 97 0.85 0.44 -16.34
C ASN B 97 1.00 1.42 -17.47
N GLU B 98 2.16 2.06 -17.53
CA GLU B 98 2.45 3.07 -18.54
C GLU B 98 3.34 2.56 -19.67
N LEU B 99 3.27 3.22 -20.83
CA LEU B 99 4.09 2.85 -21.98
C LEU B 99 5.55 2.91 -21.55
N SER B 100 6.40 2.09 -22.17
CA SER B 100 7.82 2.07 -21.84
C SER B 100 8.62 3.11 -22.61
N GLY B 101 9.29 3.99 -21.87
CA GLY B 101 10.11 5.01 -22.51
C GLY B 101 11.30 4.36 -23.20
N ARG B 102 11.65 3.16 -22.75
CA ARG B 102 12.78 2.44 -23.33
C ARG B 102 12.43 1.62 -24.56
N TYR B 103 11.29 0.93 -24.55
CA TYR B 103 10.91 0.08 -25.67
C TYR B 103 9.58 0.34 -26.38
N SER B 104 8.71 1.17 -25.82
CA SER B 104 7.42 1.41 -26.45
C SER B 104 7.41 2.35 -27.65
N LYS B 105 6.49 2.07 -28.57
CA LYS B 105 6.32 2.88 -29.75
C LYS B 105 5.51 4.08 -29.25
N LEU B 106 5.87 5.29 -29.67
CA LEU B 106 5.16 6.48 -29.22
C LEU B 106 4.52 7.20 -30.39
N SER B 107 3.66 8.17 -30.08
CA SER B 107 2.98 8.95 -31.12
C SER B 107 3.74 10.25 -31.35
N TYR B 108 4.66 10.55 -30.43
CA TYR B 108 5.45 11.76 -30.50
C TYR B 108 4.56 12.97 -30.71
N GLU B 109 3.59 13.14 -29.81
CA GLU B 109 2.68 14.28 -29.85
C GLU B 109 2.98 15.07 -28.59
N PHE B 110 2.79 16.38 -28.65
CA PHE B 110 3.10 17.21 -27.49
C PHE B 110 2.00 18.21 -27.16
N TYR B 111 1.81 18.44 -25.87
CA TYR B 111 0.79 19.38 -25.43
C TYR B 111 1.25 20.81 -25.65
N ILE B 112 0.53 21.51 -26.52
CA ILE B 112 0.83 22.89 -26.83
C ILE B 112 -0.30 23.71 -26.21
N PRO B 113 0.01 24.46 -25.15
CA PRO B 113 -1.01 25.28 -24.50
C PRO B 113 -1.64 26.23 -25.51
N SER B 114 -2.93 26.50 -25.35
CA SER B 114 -3.62 27.41 -26.27
C SER B 114 -3.41 28.82 -25.74
N PRO B 115 -3.45 29.84 -26.61
CA PRO B 115 -3.26 31.21 -26.15
C PRO B 115 -4.13 31.55 -24.95
N GLU B 116 -5.35 31.04 -24.93
CA GLU B 116 -6.28 31.29 -23.84
C GLU B 116 -5.80 30.73 -22.50
N ARG B 117 -4.91 29.72 -22.57
CA ARG B 117 -4.37 29.11 -21.36
C ARG B 117 -3.55 30.13 -20.59
N LEU B 118 -2.79 30.93 -21.33
CA LEU B 118 -1.95 31.97 -20.74
C LEU B 118 -2.80 33.12 -20.25
N GLU B 119 -3.64 33.64 -21.14
CA GLU B 119 -4.53 34.75 -20.80
C GLU B 119 -4.91 34.70 -19.32
N GLY B 120 -4.79 35.84 -18.65
CA GLY B 120 -5.09 35.90 -17.23
C GLY B 120 -3.85 36.34 -16.49
N TYR B 121 -2.70 36.14 -17.13
CA TYR B 121 -1.42 36.53 -16.57
C TYR B 121 -0.81 37.62 -17.46
N LYS B 122 -0.33 38.70 -16.84
CA LYS B 122 0.28 39.78 -17.60
C LYS B 122 1.64 39.32 -18.12
N THR B 123 1.73 39.14 -19.44
CA THR B 123 2.97 38.71 -20.07
C THR B 123 3.56 39.83 -20.92
N THR B 124 4.88 39.81 -21.10
CA THR B 124 5.58 40.81 -21.89
C THR B 124 5.25 40.66 -23.37
N ILE B 125 4.85 39.46 -23.77
CA ILE B 125 4.50 39.18 -25.15
C ILE B 125 3.11 38.56 -25.26
N PRO B 126 2.48 38.66 -26.44
CA PRO B 126 1.14 38.11 -26.67
C PRO B 126 1.07 36.61 -26.36
N PRO B 127 -0.03 36.15 -25.78
CA PRO B 127 -0.20 34.73 -25.45
C PRO B 127 0.11 33.81 -26.62
N GLU B 128 -0.42 34.15 -27.79
CA GLU B 128 -0.19 33.35 -29.00
C GLU B 128 1.28 33.30 -29.35
N ARG B 129 2.06 34.21 -28.77
CA ARG B 129 3.50 34.25 -29.03
C ARG B 129 4.14 33.20 -28.13
N VAL B 130 3.69 33.17 -26.87
CA VAL B 130 4.19 32.21 -25.90
C VAL B 130 3.90 30.81 -26.43
N THR B 131 2.76 30.67 -27.10
CA THR B 131 2.34 29.39 -27.68
C THR B 131 3.27 28.95 -28.79
N GLU B 132 3.66 29.89 -29.66
CA GLU B 132 4.55 29.56 -30.77
C GLU B 132 5.95 29.19 -30.29
N LYS B 133 6.45 29.91 -29.30
CA LYS B 133 7.78 29.63 -28.77
C LYS B 133 7.85 28.24 -28.17
N ILE B 134 6.78 27.83 -27.47
CA ILE B 134 6.73 26.50 -26.87
C ILE B 134 6.72 25.49 -28.01
N SER B 135 5.86 25.73 -28.99
CA SER B 135 5.75 24.84 -30.14
C SER B 135 7.07 24.79 -30.90
N GLU B 136 7.82 25.88 -30.86
CA GLU B 136 9.11 25.95 -31.55
C GLU B 136 10.17 25.10 -30.87
N ILE B 137 10.34 25.30 -29.56
CA ILE B 137 11.34 24.54 -28.82
C ILE B 137 11.02 23.04 -28.87
N VAL B 138 9.73 22.70 -28.86
CA VAL B 138 9.31 21.31 -28.93
C VAL B 138 9.75 20.75 -30.28
N ASP B 139 9.61 21.55 -31.32
CA ASP B 139 10.01 21.14 -32.65
C ASP B 139 11.51 20.93 -32.74
N LYS B 140 12.28 21.79 -32.07
CA LYS B 140 13.73 21.66 -32.09
C LYS B 140 14.17 20.41 -31.32
N ALA B 141 13.50 20.14 -30.21
CA ALA B 141 13.83 18.97 -29.41
C ALA B 141 13.51 17.70 -30.20
N TYR B 142 12.32 17.66 -30.78
CA TYR B 142 11.89 16.50 -31.56
C TYR B 142 12.87 16.22 -32.69
N ARG B 143 13.24 17.26 -33.42
CA ARG B 143 14.18 17.11 -34.53
C ARG B 143 15.50 16.51 -34.04
N THR B 144 16.01 17.02 -32.93
CA THR B 144 17.26 16.49 -32.39
C THR B 144 17.10 15.02 -32.03
N TYR B 145 15.94 14.66 -31.50
CA TYR B 145 15.66 13.28 -31.13
C TYR B 145 15.79 12.35 -32.34
N LEU B 146 15.02 12.64 -33.40
CA LEU B 146 15.06 11.82 -34.60
C LEU B 146 16.47 11.74 -35.17
N GLU B 147 17.16 12.87 -35.14
CA GLU B 147 18.53 12.94 -35.63
C GLU B 147 19.37 11.93 -34.86
N LEU B 148 19.14 11.87 -33.55
CA LEU B 148 19.88 10.95 -32.70
C LEU B 148 19.52 9.50 -32.98
N ILE B 149 18.23 9.23 -33.16
CA ILE B 149 17.79 7.87 -33.45
C ILE B 149 18.43 7.40 -34.74
N GLU B 150 18.18 8.12 -35.83
CA GLU B 150 18.74 7.71 -37.11
C GLU B 150 20.25 7.51 -37.05
N SER B 151 20.90 8.15 -36.09
CA SER B 151 22.34 8.01 -35.94
C SER B 151 22.75 6.72 -35.24
N GLY B 152 21.76 5.99 -34.73
CA GLY B 152 22.04 4.73 -34.05
C GLY B 152 21.95 4.81 -32.53
N VAL B 153 21.55 5.96 -32.01
CA VAL B 153 21.43 6.13 -30.56
C VAL B 153 20.17 5.41 -30.09
N PRO B 154 20.29 4.54 -29.07
CA PRO B 154 19.15 3.79 -28.52
C PRO B 154 18.07 4.71 -27.96
N ARG B 155 16.82 4.30 -28.11
CA ARG B 155 15.69 5.10 -27.64
C ARG B 155 15.77 5.48 -26.16
N GLU B 156 16.16 4.53 -25.31
CA GLU B 156 16.25 4.81 -23.87
C GLU B 156 17.16 5.98 -23.55
N VAL B 157 18.09 6.28 -24.46
CA VAL B 157 19.01 7.39 -24.27
C VAL B 157 18.57 8.61 -25.07
N ALA B 158 18.26 8.39 -26.33
CA ALA B 158 17.85 9.48 -27.22
C ALA B 158 16.61 10.22 -26.72
N ARG B 159 15.68 9.49 -26.13
CA ARG B 159 14.45 10.12 -25.66
C ARG B 159 14.62 11.05 -24.47
N ILE B 160 15.80 11.07 -23.85
CA ILE B 160 15.96 11.95 -22.70
C ILE B 160 15.94 13.43 -23.09
N VAL B 161 16.05 13.75 -24.38
CA VAL B 161 16.02 15.15 -24.81
C VAL B 161 14.61 15.68 -25.07
N LEU B 162 13.62 14.79 -25.07
CA LEU B 162 12.24 15.18 -25.30
C LEU B 162 11.66 15.92 -24.10
N PRO B 163 10.87 16.98 -24.34
CA PRO B 163 10.27 17.76 -23.25
C PRO B 163 9.14 17.11 -22.45
N LEU B 164 8.93 17.64 -21.25
CA LEU B 164 7.92 17.15 -20.33
C LEU B 164 6.48 17.23 -20.83
N ASN B 165 6.24 17.93 -21.93
CA ASN B 165 4.88 18.04 -22.47
C ASN B 165 4.56 16.94 -23.48
N LEU B 166 5.47 15.98 -23.61
CA LEU B 166 5.30 14.84 -24.51
C LEU B 166 4.14 13.98 -23.98
N TYR B 167 3.28 13.48 -24.86
CA TYR B 167 2.17 12.64 -24.43
C TYR B 167 2.58 11.19 -24.17
N THR B 168 2.10 10.66 -23.05
CA THR B 168 2.35 9.28 -22.67
C THR B 168 0.97 8.68 -22.42
N ARG B 169 0.91 7.36 -22.28
CA ARG B 169 -0.35 6.67 -22.03
C ARG B 169 -0.17 5.63 -20.93
N PHE B 170 -1.23 5.39 -20.18
CA PHE B 170 -1.16 4.41 -19.12
C PHE B 170 -2.55 3.90 -18.73
N PHE B 171 -2.58 2.69 -18.21
CA PHE B 171 -3.81 2.07 -17.72
C PHE B 171 -3.83 2.35 -16.23
N TRP B 172 -5.00 2.74 -15.72
CA TRP B 172 -5.15 3.06 -14.32
C TRP B 172 -6.31 2.25 -13.72
N THR B 173 -6.01 1.33 -12.81
CA THR B 173 -7.06 0.56 -12.15
C THR B 173 -7.12 1.10 -10.73
N VAL B 174 -8.29 1.58 -10.33
CA VAL B 174 -8.45 2.20 -9.02
C VAL B 174 -9.85 1.96 -8.44
N ASN B 175 -9.96 1.81 -7.11
CA ASN B 175 -11.28 1.61 -6.51
C ASN B 175 -11.94 2.97 -6.25
N ALA B 176 -13.24 2.95 -5.97
CA ALA B 176 -14.00 4.20 -5.77
C ALA B 176 -13.49 5.08 -4.64
N ARG B 177 -13.10 4.46 -3.52
CA ARG B 177 -12.59 5.22 -2.39
C ARG B 177 -11.36 6.02 -2.80
N SER B 178 -10.44 5.35 -3.49
CA SER B 178 -9.21 6.00 -3.92
C SER B 178 -9.53 7.05 -5.00
N LEU B 179 -10.48 6.72 -5.87
CA LEU B 179 -10.87 7.65 -6.92
C LEU B 179 -11.38 8.95 -6.30
N MET B 180 -12.20 8.83 -5.26
CA MET B 180 -12.72 10.03 -4.60
C MET B 180 -11.60 10.84 -3.95
N ASN B 181 -10.59 10.16 -3.40
CA ASN B 181 -9.47 10.87 -2.79
C ASN B 181 -8.74 11.63 -3.90
N PHE B 182 -8.63 11.01 -5.07
CA PHE B 182 -7.98 11.65 -6.21
C PHE B 182 -8.74 12.92 -6.65
N LEU B 183 -10.06 12.84 -6.65
CA LEU B 183 -10.89 13.98 -7.05
C LEU B 183 -10.84 15.10 -6.02
N ASN B 184 -10.70 14.74 -4.74
CA ASN B 184 -10.62 15.76 -3.69
C ASN B 184 -9.40 16.64 -3.95
N LEU B 185 -8.30 16.00 -4.35
CA LEU B 185 -7.06 16.71 -4.61
C LEU B 185 -6.85 17.28 -6.01
N ARG B 186 -7.32 16.59 -7.04
CA ARG B 186 -7.11 17.06 -8.40
C ARG B 186 -8.25 17.84 -9.01
N ALA B 187 -9.48 17.55 -8.61
CA ALA B 187 -10.62 18.30 -9.12
C ALA B 187 -10.75 19.46 -8.14
N ASP B 188 -9.77 20.35 -8.18
CA ASP B 188 -9.74 21.49 -7.28
C ASP B 188 -8.85 22.60 -7.86
N SER B 189 -9.17 23.85 -7.51
CA SER B 189 -8.45 25.02 -7.99
C SER B 189 -6.95 25.05 -7.66
N HIS B 190 -6.56 24.40 -6.58
CA HIS B 190 -5.15 24.38 -6.17
C HIS B 190 -4.28 23.51 -7.09
N ALA B 191 -4.91 22.59 -7.82
CA ALA B 191 -4.16 21.72 -8.73
C ALA B 191 -3.97 22.46 -10.04
N GLN B 192 -2.94 22.07 -10.79
CA GLN B 192 -2.66 22.70 -12.07
C GLN B 192 -3.85 22.50 -13.00
N TRP B 193 -4.13 23.52 -13.80
CA TRP B 193 -5.27 23.48 -14.73
C TRP B 193 -5.33 22.23 -15.60
N GLU B 194 -4.20 21.81 -16.16
CA GLU B 194 -4.17 20.64 -17.01
C GLU B 194 -4.71 19.39 -16.33
N ILE B 195 -4.27 19.09 -15.10
CA ILE B 195 -4.77 17.89 -14.44
C ILE B 195 -6.20 18.07 -13.93
N GLN B 196 -6.61 19.33 -13.74
CA GLN B 196 -7.97 19.62 -13.32
C GLN B 196 -8.90 19.11 -14.43
N GLN B 197 -8.49 19.35 -15.68
CA GLN B 197 -9.27 18.93 -16.83
C GLN B 197 -9.42 17.42 -16.87
N TYR B 198 -8.37 16.70 -16.51
CA TYR B 198 -8.46 15.24 -16.49
C TYR B 198 -9.36 14.78 -15.36
N ALA B 199 -9.22 15.42 -14.20
CA ALA B 199 -10.03 15.06 -13.04
C ALA B 199 -11.52 15.27 -13.32
N LEU B 200 -11.84 16.24 -14.17
CA LEU B 200 -13.23 16.50 -14.53
C LEU B 200 -13.79 15.36 -15.35
N ALA B 201 -12.95 14.80 -16.22
CA ALA B 201 -13.37 13.68 -17.08
C ALA B 201 -13.55 12.43 -16.23
N ILE B 202 -12.65 12.23 -15.28
CA ILE B 202 -12.72 11.10 -14.37
C ILE B 202 -14.01 11.20 -13.56
N ALA B 203 -14.32 12.41 -13.09
CA ALA B 203 -15.53 12.63 -12.29
C ALA B 203 -16.78 12.36 -13.13
N ARG B 204 -16.74 12.73 -14.40
CA ARG B 204 -17.87 12.55 -15.30
C ARG B 204 -18.19 11.06 -15.43
N ILE B 205 -17.17 10.25 -15.73
CA ILE B 205 -17.35 8.82 -15.88
C ILE B 205 -17.78 8.18 -14.57
N PHE B 206 -17.20 8.66 -13.47
CA PHE B 206 -17.53 8.13 -12.15
C PHE B 206 -19.01 8.36 -11.86
N LYS B 207 -19.50 9.54 -12.23
CA LYS B 207 -20.90 9.88 -12.00
C LYS B 207 -21.84 9.01 -12.83
N GLU B 208 -21.49 8.77 -14.08
CA GLU B 208 -22.37 7.96 -14.93
C GLU B 208 -22.48 6.53 -14.40
N LYS B 209 -21.37 5.99 -13.91
CA LYS B 209 -21.35 4.62 -13.39
C LYS B 209 -21.84 4.46 -11.96
N CYS B 210 -21.63 5.48 -11.12
CA CYS B 210 -22.06 5.41 -9.72
C CYS B 210 -22.73 6.72 -9.30
N PRO B 211 -23.90 7.02 -9.89
CA PRO B 211 -24.62 8.25 -9.55
C PRO B 211 -24.90 8.49 -8.06
N TRP B 212 -25.32 7.44 -7.35
CA TRP B 212 -25.62 7.59 -5.94
C TRP B 212 -24.37 7.89 -5.11
N THR B 213 -23.30 7.14 -5.35
CA THR B 213 -22.05 7.36 -4.62
C THR B 213 -21.53 8.76 -4.92
N PHE B 214 -21.59 9.15 -6.19
CA PHE B 214 -21.11 10.45 -6.62
C PHE B 214 -21.86 11.60 -5.96
N GLU B 215 -23.18 11.54 -5.97
CA GLU B 215 -23.98 12.61 -5.35
C GLU B 215 -23.71 12.68 -3.86
N ALA B 216 -23.62 11.51 -3.21
CA ALA B 216 -23.35 11.49 -1.78
C ALA B 216 -21.97 12.09 -1.54
N PHE B 217 -21.03 11.74 -2.42
CA PHE B 217 -19.67 12.26 -2.33
C PHE B 217 -19.68 13.78 -2.37
N LEU B 218 -20.34 14.37 -3.35
CA LEU B 218 -20.37 15.83 -3.43
C LEU B 218 -21.01 16.43 -2.19
N LYS B 219 -22.16 15.89 -1.79
CA LYS B 219 -22.88 16.38 -0.62
C LYS B 219 -22.17 16.18 0.72
N TYR B 220 -21.46 15.07 0.90
CA TYR B 220 -20.81 14.82 2.18
C TYR B 220 -19.29 14.73 2.32
N ALA B 221 -18.56 14.36 1.27
CA ALA B 221 -17.12 14.20 1.43
C ALA B 221 -16.18 14.99 0.52
N TYR B 222 -16.68 15.47 -0.61
CA TYR B 222 -15.85 16.21 -1.55
C TYR B 222 -15.20 17.44 -0.93
N LYS B 223 -13.89 17.42 -0.85
CA LYS B 223 -13.13 18.52 -0.25
C LYS B 223 -12.73 19.59 -1.25
N GLY B 224 -12.74 19.24 -2.53
CA GLY B 224 -12.36 20.21 -3.55
C GLY B 224 -13.46 21.23 -3.74
N ASP B 225 -13.36 22.05 -4.78
CA ASP B 225 -14.38 23.07 -5.01
C ASP B 225 -15.04 23.06 -6.39
N ILE B 226 -14.25 22.84 -7.44
CA ILE B 226 -14.76 22.89 -8.81
C ILE B 226 -15.94 21.98 -9.20
N LEU B 227 -16.10 20.82 -8.56
CA LEU B 227 -17.21 19.94 -8.93
C LEU B 227 -18.54 20.41 -8.33
N LYS B 228 -18.48 21.30 -7.35
CA LYS B 228 -19.69 21.83 -6.73
C LYS B 228 -20.28 22.94 -7.58
N GLU B 229 -19.57 23.29 -8.65
CA GLU B 229 -20.03 24.35 -9.55
C GLU B 229 -20.00 23.89 -10.99
N VAL B 230 -19.04 23.04 -11.32
CA VAL B 230 -18.91 22.52 -12.67
C VAL B 230 -19.77 21.27 -12.83
N GLN B 231 -20.77 21.38 -13.71
CA GLN B 231 -21.71 20.31 -14.00
C GLN B 231 -21.04 18.96 -14.34
N VAL B 232 -21.43 17.93 -13.60
CA VAL B 232 -20.93 16.57 -13.79
C VAL B 232 -19.43 16.39 -13.54
N MET C 13 26.82 9.44 4.71
CA MET C 13 27.08 8.65 3.46
C MET C 13 26.40 9.30 2.26
N LYS C 14 27.22 9.74 1.31
CA LYS C 14 26.73 10.36 0.08
C LYS C 14 27.59 9.85 -1.07
N ILE C 15 26.94 9.26 -2.07
CA ILE C 15 27.60 8.70 -3.23
C ILE C 15 27.16 9.40 -4.50
N ASP C 16 28.13 9.90 -5.29
CA ASP C 16 27.79 10.58 -6.53
C ASP C 16 27.41 9.55 -7.59
N ILE C 17 26.42 9.91 -8.40
CA ILE C 17 25.92 9.04 -9.46
C ILE C 17 25.78 9.88 -10.72
N LEU C 18 26.16 9.30 -11.85
CA LEU C 18 26.09 9.99 -13.13
C LEU C 18 26.96 11.25 -13.06
N ASP C 19 26.59 12.28 -13.81
CA ASP C 19 27.40 13.49 -13.81
C ASP C 19 27.10 14.54 -12.74
N LYS C 20 25.86 14.59 -12.25
CA LYS C 20 25.51 15.57 -11.23
C LYS C 20 24.55 15.00 -10.18
N GLY C 21 24.36 13.69 -10.19
CA GLY C 21 23.45 13.09 -9.25
C GLY C 21 24.09 12.51 -8.00
N PHE C 22 23.25 11.99 -7.11
CA PHE C 22 23.74 11.39 -5.88
C PHE C 22 22.66 10.66 -5.11
N VAL C 23 23.13 9.82 -4.18
CA VAL C 23 22.26 9.08 -3.30
C VAL C 23 22.85 9.44 -1.94
N GLU C 24 22.01 9.95 -1.05
CA GLU C 24 22.48 10.33 0.26
C GLU C 24 21.59 9.70 1.32
N LEU C 25 22.21 9.12 2.34
CA LEU C 25 21.47 8.50 3.42
C LEU C 25 21.09 9.60 4.40
N VAL C 26 19.80 9.73 4.68
CA VAL C 26 19.33 10.74 5.61
C VAL C 26 19.14 10.17 7.00
N ASP C 27 18.56 8.98 7.06
CA ASP C 27 18.32 8.36 8.36
C ASP C 27 18.05 6.88 8.19
N VAL C 28 18.03 6.16 9.30
CA VAL C 28 17.78 4.75 9.28
C VAL C 28 17.27 4.31 10.65
N MET C 29 16.24 3.47 10.63
CA MET C 29 15.70 2.96 11.88
C MET C 29 16.01 1.47 11.97
N GLY C 30 16.73 1.11 13.02
CA GLY C 30 17.07 -0.27 13.27
C GLY C 30 18.29 -0.79 12.54
N ASN C 31 18.49 -2.10 12.67
CA ASN C 31 19.60 -2.79 12.02
C ASN C 31 19.17 -4.23 11.83
N ASP C 32 20.11 -5.12 11.52
CA ASP C 32 19.74 -6.53 11.31
C ASP C 32 18.90 -7.05 12.48
N LEU C 33 19.30 -6.71 13.70
CA LEU C 33 18.58 -7.18 14.88
C LEU C 33 17.12 -6.75 14.95
N SER C 34 16.77 -5.68 14.25
CA SER C 34 15.39 -5.21 14.25
C SER C 34 14.48 -6.26 13.60
N ALA C 35 15.01 -6.99 12.62
CA ALA C 35 14.22 -8.01 11.93
C ALA C 35 14.09 -9.22 12.86
N VAL C 36 15.18 -9.52 13.58
CA VAL C 36 15.19 -10.63 14.51
C VAL C 36 14.17 -10.38 15.65
N ARG C 37 14.19 -9.19 16.23
CA ARG C 37 13.25 -8.87 17.30
C ARG C 37 11.80 -8.94 16.83
N ALA C 38 11.57 -8.51 15.60
CA ALA C 38 10.23 -8.53 15.04
C ALA C 38 9.79 -9.98 14.78
N ALA C 39 10.70 -10.78 14.24
CA ALA C 39 10.39 -12.19 13.96
C ALA C 39 10.00 -12.91 15.25
N ARG C 40 10.70 -12.61 16.33
CA ARG C 40 10.40 -13.26 17.61
C ARG C 40 9.39 -12.46 18.43
N VAL C 41 9.03 -11.29 17.94
CA VAL C 41 8.08 -10.42 18.64
C VAL C 41 8.57 -10.26 20.08
N SER C 42 9.81 -9.81 20.22
CA SER C 42 10.38 -9.64 21.53
C SER C 42 11.31 -8.46 21.60
N PHE C 43 11.11 -7.62 22.60
CA PHE C 43 11.93 -6.45 22.80
C PHE C 43 12.83 -6.78 23.98
N ASP C 44 13.44 -7.95 23.92
CA ASP C 44 14.33 -8.42 24.98
C ASP C 44 15.73 -8.61 24.41
N MET C 45 16.70 -7.90 24.98
CA MET C 45 18.08 -7.99 24.52
C MET C 45 18.92 -8.82 25.47
N GLY C 46 18.40 -9.06 26.67
CA GLY C 46 19.12 -9.84 27.67
C GLY C 46 19.42 -11.27 27.26
N LEU C 47 19.24 -11.58 25.98
CA LEU C 47 19.51 -12.93 25.48
C LEU C 47 20.26 -12.92 24.15
N LYS C 48 20.89 -11.80 23.82
CA LYS C 48 21.63 -11.66 22.57
C LYS C 48 22.57 -12.84 22.31
N ASP C 49 22.54 -13.34 21.08
CA ASP C 49 23.37 -14.48 20.66
C ASP C 49 23.62 -14.33 19.16
N GLU C 50 24.71 -13.65 18.82
CA GLU C 50 25.07 -13.41 17.42
C GLU C 50 24.86 -14.63 16.53
N GLU C 51 25.40 -15.76 16.95
CA GLU C 51 25.30 -17.01 16.19
C GLU C 51 23.85 -17.34 15.85
N ARG C 52 23.00 -17.42 16.88
CA ARG C 52 21.60 -17.73 16.68
C ARG C 52 20.87 -16.63 15.92
N ASP C 53 21.19 -15.38 16.22
CA ASP C 53 20.52 -14.27 15.54
C ASP C 53 20.82 -14.24 14.05
N ARG C 54 22.08 -14.49 13.68
CA ARG C 54 22.45 -14.47 12.27
C ARG C 54 21.86 -15.67 11.55
N HIS C 55 21.68 -16.76 12.28
CA HIS C 55 21.11 -17.96 11.71
C HIS C 55 19.63 -17.73 11.44
N LEU C 56 18.97 -16.99 12.32
CA LEU C 56 17.55 -16.71 12.11
C LEU C 56 17.37 -15.82 10.87
N ILE C 57 18.29 -14.88 10.67
CA ILE C 57 18.20 -14.00 9.50
C ILE C 57 18.29 -14.84 8.21
N GLU C 58 19.20 -15.81 8.18
CA GLU C 58 19.33 -16.65 6.99
C GLU C 58 18.06 -17.48 6.82
N TYR C 59 17.60 -18.06 7.92
CA TYR C 59 16.40 -18.88 7.90
C TYR C 59 15.20 -18.13 7.31
N LEU C 60 14.97 -16.91 7.78
CA LEU C 60 13.85 -16.10 7.29
C LEU C 60 13.97 -15.85 5.80
N MET C 61 15.17 -15.47 5.38
CA MET C 61 15.45 -15.18 3.97
C MET C 61 15.29 -16.43 3.11
N LYS C 62 15.87 -17.53 3.56
CA LYS C 62 15.81 -18.78 2.81
C LYS C 62 14.40 -19.32 2.60
N HIS C 63 13.52 -19.12 3.58
CA HIS C 63 12.16 -19.63 3.48
C HIS C 63 11.11 -18.58 3.10
N GLY C 64 11.59 -17.43 2.60
CA GLY C 64 10.67 -16.39 2.17
C GLY C 64 9.79 -15.69 3.20
N HIS C 65 10.25 -15.64 4.45
CA HIS C 65 9.51 -14.96 5.50
C HIS C 65 10.00 -13.52 5.46
N GLU C 66 9.37 -12.72 4.62
CA GLU C 66 9.78 -11.33 4.41
C GLU C 66 9.26 -10.27 5.38
N THR C 67 8.14 -10.52 6.03
CA THR C 67 7.57 -9.51 6.92
C THR C 67 8.50 -8.95 8.00
N PRO C 68 9.38 -9.78 8.58
CA PRO C 68 10.25 -9.19 9.60
C PRO C 68 11.15 -8.05 9.12
N PHE C 69 11.52 -8.08 7.84
CA PHE C 69 12.40 -7.04 7.31
C PHE C 69 11.71 -5.70 7.07
N GLU C 70 10.39 -5.70 7.22
CA GLU C 70 9.61 -4.47 7.05
C GLU C 70 9.84 -3.54 8.24
N HIS C 71 10.46 -4.07 9.30
CA HIS C 71 10.71 -3.28 10.51
C HIS C 71 12.06 -2.57 10.54
N ILE C 72 12.75 -2.61 9.40
CA ILE C 72 14.02 -1.92 9.23
C ILE C 72 13.62 -0.88 8.19
N VAL C 73 13.89 0.39 8.46
CA VAL C 73 13.49 1.44 7.52
C VAL C 73 14.61 2.42 7.22
N PHE C 74 14.65 2.88 5.97
CA PHE C 74 15.64 3.83 5.49
C PHE C 74 15.00 5.08 4.89
N THR C 75 15.72 6.19 4.96
CA THR C 75 15.29 7.41 4.31
C THR C 75 16.50 7.88 3.49
N PHE C 76 16.33 7.98 2.17
CA PHE C 76 17.39 8.47 1.31
C PHE C 76 16.95 9.78 0.68
N HIS C 77 17.94 10.56 0.27
CA HIS C 77 17.72 11.81 -0.42
C HIS C 77 18.39 11.53 -1.77
N VAL C 78 17.61 11.48 -2.83
CA VAL C 78 18.14 11.16 -4.16
C VAL C 78 18.01 12.29 -5.17
N LYS C 79 19.09 12.50 -5.93
CA LYS C 79 19.11 13.50 -6.98
C LYS C 79 19.31 12.71 -8.27
N ALA C 80 18.30 12.71 -9.13
CA ALA C 80 18.36 11.96 -10.38
C ALA C 80 17.54 12.59 -11.48
N PRO C 81 17.85 12.25 -12.74
CA PRO C 81 17.14 12.78 -13.90
C PRO C 81 15.69 12.31 -13.81
N ILE C 82 14.77 13.13 -14.29
CA ILE C 82 13.36 12.78 -14.24
C ILE C 82 13.06 11.42 -14.90
N PHE C 83 13.72 11.09 -16.02
CA PHE C 83 13.42 9.82 -16.66
C PHE C 83 13.81 8.66 -15.74
N VAL C 84 14.81 8.89 -14.90
CA VAL C 84 15.23 7.87 -13.95
C VAL C 84 14.22 7.85 -12.80
N ALA C 85 13.82 9.03 -12.34
CA ALA C 85 12.86 9.12 -11.23
C ALA C 85 11.55 8.41 -11.58
N ARG C 86 11.09 8.59 -12.82
CA ARG C 86 9.84 7.98 -13.26
C ARG C 86 9.89 6.47 -13.11
N GLN C 87 11.00 5.86 -13.53
CA GLN C 87 11.14 4.41 -13.42
C GLN C 87 11.16 4.01 -11.95
N TRP C 88 11.86 4.79 -11.14
CA TRP C 88 12.00 4.55 -9.70
C TRP C 88 10.66 4.60 -8.96
N PHE C 89 9.88 5.64 -9.23
CA PHE C 89 8.59 5.87 -8.58
C PHE C 89 7.54 4.78 -8.85
N ARG C 90 7.83 3.87 -9.76
CA ARG C 90 6.89 2.79 -10.05
C ARG C 90 6.89 1.78 -8.90
N HIS C 91 7.85 1.93 -8.00
CA HIS C 91 7.96 1.09 -6.82
C HIS C 91 7.09 1.80 -5.78
N ARG C 92 5.81 1.44 -5.75
CA ARG C 92 4.82 2.09 -4.89
C ARG C 92 4.85 1.85 -3.38
N ILE C 93 5.37 0.71 -2.94
CA ILE C 93 5.39 0.46 -1.50
C ILE C 93 6.58 1.15 -0.87
N ALA C 94 6.43 2.47 -0.72
CA ALA C 94 7.44 3.34 -0.14
C ALA C 94 6.82 4.72 -0.13
N SER C 95 7.53 5.69 0.45
CA SER C 95 7.03 7.05 0.52
C SER C 95 7.99 7.98 -0.19
N TYR C 96 7.46 8.84 -1.05
CA TYR C 96 8.26 9.79 -1.80
C TYR C 96 7.79 11.22 -1.64
N ASN C 97 8.76 12.13 -1.63
CA ASN C 97 8.51 13.56 -1.53
C ASN C 97 9.51 14.25 -2.43
N GLU C 98 9.03 14.64 -3.62
CA GLU C 98 9.85 15.27 -4.63
C GLU C 98 9.70 16.79 -4.68
N LEU C 99 10.71 17.46 -5.21
CA LEU C 99 10.65 18.92 -5.34
C LEU C 99 9.44 19.27 -6.21
N SER C 100 8.86 20.44 -5.99
CA SER C 100 7.71 20.85 -6.78
C SER C 100 8.12 21.65 -8.02
N GLY C 101 7.85 21.10 -9.20
CA GLY C 101 8.18 21.79 -10.43
C GLY C 101 7.37 23.07 -10.57
N ARG C 102 6.16 23.04 -10.03
CA ARG C 102 5.26 24.19 -10.09
C ARG C 102 5.72 25.34 -9.18
N TYR C 103 6.30 25.01 -8.03
CA TYR C 103 6.72 26.04 -7.09
C TYR C 103 8.20 26.00 -6.68
N SER C 104 8.65 24.85 -6.19
CA SER C 104 10.03 24.69 -5.75
C SER C 104 11.04 25.27 -6.72
N LYS C 105 11.99 26.05 -6.19
CA LYS C 105 13.02 26.66 -7.02
C LYS C 105 14.06 25.61 -7.39
N LEU C 106 14.05 25.19 -8.65
CA LEU C 106 14.99 24.19 -9.11
C LEU C 106 16.38 24.82 -9.27
N SER C 107 17.37 23.98 -9.55
CA SER C 107 18.74 24.43 -9.74
C SER C 107 19.03 24.31 -11.24
N TYR C 108 18.11 23.66 -11.93
CA TYR C 108 18.20 23.46 -13.37
C TYR C 108 19.50 22.87 -13.89
N GLU C 109 19.71 21.58 -13.62
CA GLU C 109 20.89 20.86 -14.10
C GLU C 109 20.35 19.72 -14.95
N PHE C 110 21.16 19.22 -15.87
CA PHE C 110 20.71 18.16 -16.75
C PHE C 110 21.73 17.04 -16.91
N TYR C 111 21.23 15.82 -17.08
CA TYR C 111 22.10 14.65 -17.26
C TYR C 111 22.58 14.57 -18.70
N ILE C 112 23.88 14.77 -18.89
CA ILE C 112 24.47 14.70 -20.22
C ILE C 112 25.27 13.39 -20.30
N PRO C 113 24.78 12.43 -21.11
CA PRO C 113 25.47 11.14 -21.26
C PRO C 113 26.92 11.28 -21.70
N SER C 114 27.78 10.46 -21.10
CA SER C 114 29.19 10.47 -21.43
C SER C 114 29.37 9.71 -22.75
N PRO C 115 30.42 10.03 -23.52
CA PRO C 115 30.63 9.32 -24.77
C PRO C 115 30.73 7.82 -24.54
N GLU C 116 31.27 7.44 -23.38
CA GLU C 116 31.42 6.02 -23.05
C GLU C 116 30.05 5.36 -22.93
N ARG C 117 29.04 6.15 -22.57
CA ARG C 117 27.69 5.63 -22.42
C ARG C 117 27.24 4.97 -23.72
N LEU C 118 27.43 5.68 -24.82
CA LEU C 118 27.04 5.17 -26.13
C LEU C 118 28.12 4.23 -26.66
N GLU C 119 29.33 4.38 -26.15
CA GLU C 119 30.42 3.52 -26.54
C GLU C 119 29.91 2.09 -26.41
N GLY C 120 29.82 1.39 -27.52
CA GLY C 120 29.32 0.02 -27.51
C GLY C 120 28.20 -0.14 -28.50
N TYR C 121 27.72 0.98 -29.02
CA TYR C 121 26.63 0.96 -30.00
C TYR C 121 27.14 1.52 -31.33
N LYS C 122 26.79 0.85 -32.42
CA LYS C 122 27.17 1.29 -33.76
C LYS C 122 26.40 2.56 -34.10
N THR C 123 27.11 3.68 -34.15
CA THR C 123 26.49 4.96 -34.47
C THR C 123 27.08 5.56 -35.75
N THR C 124 26.32 6.42 -36.41
CA THR C 124 26.77 7.05 -37.64
C THR C 124 27.49 8.37 -37.36
N ILE C 125 27.75 8.64 -36.09
CA ILE C 125 28.44 9.85 -35.68
C ILE C 125 29.26 9.53 -34.43
N PRO C 126 30.42 10.18 -34.27
CA PRO C 126 31.26 9.93 -33.09
C PRO C 126 30.47 10.11 -31.79
N PRO C 127 30.77 9.27 -30.78
CA PRO C 127 30.07 9.38 -29.49
C PRO C 127 30.13 10.83 -28.98
N GLU C 128 31.23 11.50 -29.27
CA GLU C 128 31.44 12.88 -28.85
C GLU C 128 30.33 13.79 -29.38
N ARG C 129 29.93 13.56 -30.62
CA ARG C 129 28.89 14.36 -31.25
C ARG C 129 27.53 14.20 -30.57
N VAL C 130 27.20 12.98 -30.16
CA VAL C 130 25.93 12.74 -29.48
C VAL C 130 25.89 13.61 -28.25
N THR C 131 26.97 13.54 -27.46
CA THR C 131 27.09 14.32 -26.23
C THR C 131 26.90 15.81 -26.53
N GLU C 132 27.59 16.31 -27.55
CA GLU C 132 27.48 17.72 -27.91
C GLU C 132 26.06 18.06 -28.37
N LYS C 133 25.46 17.16 -29.15
CA LYS C 133 24.10 17.35 -29.66
C LYS C 133 23.09 17.45 -28.52
N ILE C 134 23.24 16.60 -27.51
CA ILE C 134 22.34 16.60 -26.36
C ILE C 134 22.56 17.84 -25.51
N SER C 135 23.81 18.22 -25.31
CA SER C 135 24.13 19.39 -24.51
C SER C 135 23.55 20.64 -25.17
N GLU C 136 23.60 20.67 -26.50
CA GLU C 136 23.10 21.80 -27.27
C GLU C 136 21.59 21.99 -27.11
N ILE C 137 20.83 20.93 -27.37
CA ILE C 137 19.38 21.01 -27.26
C ILE C 137 18.95 21.36 -25.83
N VAL C 138 19.65 20.83 -24.83
CA VAL C 138 19.33 21.14 -23.44
C VAL C 138 19.46 22.64 -23.22
N ASP C 139 20.59 23.19 -23.67
CA ASP C 139 20.88 24.61 -23.54
C ASP C 139 19.76 25.44 -24.18
N LYS C 140 19.33 25.05 -25.38
CA LYS C 140 18.27 25.77 -26.08
C LYS C 140 16.94 25.72 -25.34
N ALA C 141 16.59 24.55 -24.82
CA ALA C 141 15.33 24.40 -24.10
C ALA C 141 15.37 25.24 -22.84
N TYR C 142 16.49 25.17 -22.12
CA TYR C 142 16.64 25.93 -20.89
C TYR C 142 16.52 27.43 -21.12
N ARG C 143 17.15 27.93 -22.19
CA ARG C 143 17.09 29.36 -22.47
C ARG C 143 15.65 29.77 -22.77
N THR C 144 14.96 28.98 -23.58
CA THR C 144 13.57 29.26 -23.91
C THR C 144 12.77 29.36 -22.62
N TYR C 145 13.00 28.41 -21.73
CA TYR C 145 12.33 28.36 -20.44
C TYR C 145 12.51 29.69 -19.71
N LEU C 146 13.75 30.15 -19.60
CA LEU C 146 14.03 31.41 -18.91
C LEU C 146 13.37 32.57 -19.66
N GLU C 147 13.43 32.50 -20.99
CA GLU C 147 12.83 33.53 -21.82
C GLU C 147 11.33 33.60 -21.54
N LEU C 148 10.72 32.44 -21.34
CA LEU C 148 9.29 32.37 -21.05
C LEU C 148 9.02 32.92 -19.66
N ILE C 149 9.92 32.59 -18.73
CA ILE C 149 9.80 33.05 -17.35
C ILE C 149 9.89 34.56 -17.28
N GLU C 150 10.88 35.13 -17.96
CA GLU C 150 11.09 36.57 -17.97
C GLU C 150 9.90 37.32 -18.58
N SER C 151 8.97 36.57 -19.16
CA SER C 151 7.80 37.17 -19.80
C SER C 151 6.58 37.15 -18.88
N GLY C 152 6.72 36.51 -17.72
CA GLY C 152 5.61 36.46 -16.78
C GLY C 152 4.80 35.17 -16.87
N VAL C 153 5.29 34.22 -17.65
CA VAL C 153 4.60 32.94 -17.79
C VAL C 153 4.85 32.11 -16.54
N PRO C 154 3.78 31.56 -15.94
CA PRO C 154 3.91 30.74 -14.73
C PRO C 154 4.92 29.61 -14.99
N ARG C 155 5.75 29.31 -14.00
CA ARG C 155 6.74 28.26 -14.20
C ARG C 155 6.10 26.88 -14.39
N GLU C 156 4.93 26.67 -13.80
CA GLU C 156 4.25 25.38 -13.95
C GLU C 156 3.92 25.15 -15.41
N VAL C 157 3.97 26.22 -16.19
CA VAL C 157 3.67 26.15 -17.61
C VAL C 157 4.95 26.20 -18.44
N ALA C 158 5.85 27.10 -18.07
CA ALA C 158 7.11 27.25 -18.79
C ALA C 158 8.01 26.03 -18.66
N ARG C 159 7.91 25.33 -17.53
CA ARG C 159 8.75 24.16 -17.30
C ARG C 159 8.42 22.95 -18.17
N ILE C 160 7.30 22.99 -18.89
CA ILE C 160 6.93 21.86 -19.73
C ILE C 160 7.80 21.70 -20.97
N VAL C 161 8.62 22.71 -21.29
CA VAL C 161 9.50 22.62 -22.44
C VAL C 161 10.84 21.99 -22.06
N LEU C 162 11.06 21.81 -20.76
CA LEU C 162 12.31 21.22 -20.28
C LEU C 162 12.38 19.73 -20.58
N PRO C 163 13.56 19.25 -21.00
CA PRO C 163 13.80 17.84 -21.35
C PRO C 163 13.75 16.89 -20.15
N LEU C 164 13.53 15.61 -20.45
CA LEU C 164 13.42 14.58 -19.42
C LEU C 164 14.71 14.30 -18.66
N ASN C 165 15.84 14.84 -19.11
CA ASN C 165 17.10 14.59 -18.41
C ASN C 165 17.35 15.64 -17.33
N LEU C 166 16.34 16.47 -17.09
CA LEU C 166 16.43 17.49 -16.05
C LEU C 166 16.50 16.75 -14.71
N TYR C 167 17.38 17.21 -13.82
CA TYR C 167 17.52 16.58 -12.52
C TYR C 167 16.43 16.99 -11.55
N THR C 168 15.96 16.03 -10.76
CA THR C 168 14.98 16.30 -9.73
C THR C 168 15.54 15.70 -8.44
N ARG C 169 14.91 15.99 -7.32
CA ARG C 169 15.35 15.46 -6.05
C ARG C 169 14.14 15.01 -5.24
N PHE C 170 14.34 13.97 -4.47
CA PHE C 170 13.25 13.45 -3.65
C PHE C 170 13.78 12.69 -2.45
N PHE C 171 12.96 12.65 -1.40
CA PHE C 171 13.28 11.92 -0.20
C PHE C 171 12.54 10.62 -0.42
N TRP C 172 13.17 9.51 -0.03
CA TRP C 172 12.59 8.19 -0.21
C TRP C 172 12.68 7.43 1.10
N THR C 173 11.53 7.09 1.67
CA THR C 173 11.49 6.31 2.90
C THR C 173 10.95 4.95 2.50
N VAL C 174 11.77 3.92 2.71
CA VAL C 174 11.42 2.56 2.30
C VAL C 174 11.91 1.55 3.32
N ASN C 175 11.16 0.46 3.52
CA ASN C 175 11.61 -0.53 4.47
C ASN C 175 12.51 -1.53 3.73
N ALA C 176 13.27 -2.30 4.47
CA ALA C 176 14.22 -3.27 3.89
C ALA C 176 13.58 -4.27 2.94
N ARG C 177 12.36 -4.69 3.22
CA ARG C 177 11.67 -5.63 2.35
C ARG C 177 11.44 -5.03 0.97
N SER C 178 10.88 -3.82 0.94
CA SER C 178 10.62 -3.15 -0.33
C SER C 178 11.94 -2.80 -1.02
N LEU C 179 12.95 -2.46 -0.22
CA LEU C 179 14.25 -2.12 -0.75
C LEU C 179 14.84 -3.32 -1.50
N MET C 180 14.66 -4.51 -0.94
CA MET C 180 15.17 -5.71 -1.60
C MET C 180 14.44 -5.97 -2.91
N ASN C 181 13.14 -5.70 -2.95
CA ASN C 181 12.38 -5.90 -4.18
C ASN C 181 12.90 -4.92 -5.22
N PHE C 182 13.21 -3.71 -4.77
CA PHE C 182 13.74 -2.67 -5.66
C PHE C 182 15.07 -3.13 -6.28
N LEU C 183 15.96 -3.66 -5.46
CA LEU C 183 17.25 -4.15 -5.93
C LEU C 183 17.10 -5.32 -6.89
N ASN C 184 16.15 -6.20 -6.60
CA ASN C 184 15.91 -7.36 -7.48
C ASN C 184 15.65 -6.89 -8.89
N LEU C 185 14.85 -5.84 -9.00
CA LEU C 185 14.45 -5.30 -10.30
C LEU C 185 15.41 -4.28 -10.93
N ARG C 186 16.05 -3.45 -10.10
CA ARG C 186 16.92 -2.41 -10.65
C ARG C 186 18.43 -2.66 -10.64
N ALA C 187 18.90 -3.52 -9.74
CA ALA C 187 20.32 -3.84 -9.71
C ALA C 187 20.41 -5.07 -10.60
N ASP C 188 20.04 -4.88 -11.86
CA ASP C 188 20.03 -5.97 -12.82
C ASP C 188 20.37 -5.45 -14.22
N SER C 189 21.07 -6.26 -15.00
CA SER C 189 21.49 -5.88 -16.34
C SER C 189 20.31 -5.52 -17.24
N HIS C 190 19.12 -6.01 -16.91
CA HIS C 190 17.93 -5.73 -17.71
C HIS C 190 17.41 -4.31 -17.48
N ALA C 191 17.74 -3.73 -16.33
CA ALA C 191 17.29 -2.38 -16.04
C ALA C 191 18.18 -1.42 -16.83
N GLN C 192 17.71 -0.20 -17.02
CA GLN C 192 18.51 0.78 -17.75
C GLN C 192 19.79 1.03 -16.97
N TRP C 193 20.89 1.20 -17.71
CA TRP C 193 22.19 1.44 -17.08
C TRP C 193 22.15 2.56 -16.05
N GLU C 194 21.46 3.65 -16.37
CA GLU C 194 21.39 4.77 -15.44
C GLU C 194 20.78 4.39 -14.09
N ILE C 195 19.64 3.71 -14.08
CA ILE C 195 19.04 3.37 -12.80
C ILE C 195 19.85 2.27 -12.12
N GLN C 196 20.57 1.47 -12.91
CA GLN C 196 21.44 0.44 -12.35
C GLN C 196 22.49 1.12 -11.44
N GLN C 197 23.01 2.26 -11.90
CA GLN C 197 24.02 2.97 -11.11
C GLN C 197 23.48 3.41 -9.75
N TYR C 198 22.26 3.92 -9.73
CA TYR C 198 21.64 4.33 -8.48
C TYR C 198 21.40 3.14 -7.56
N ALA C 199 20.95 2.03 -8.14
CA ALA C 199 20.68 0.82 -7.37
C ALA C 199 21.92 0.27 -6.70
N LEU C 200 23.07 0.38 -7.35
CA LEU C 200 24.32 -0.12 -6.77
C LEU C 200 24.66 0.69 -5.52
N ALA C 201 24.41 2.00 -5.60
CA ALA C 201 24.68 2.90 -4.49
C ALA C 201 23.74 2.59 -3.32
N ILE C 202 22.47 2.33 -3.64
CA ILE C 202 21.49 1.99 -2.62
C ILE C 202 21.92 0.69 -1.94
N ALA C 203 22.39 -0.26 -2.74
CA ALA C 203 22.83 -1.55 -2.22
C ALA C 203 24.03 -1.38 -1.28
N ARG C 204 24.94 -0.49 -1.65
CA ARG C 204 26.14 -0.25 -0.85
C ARG C 204 25.77 0.24 0.55
N ILE C 205 24.86 1.20 0.60
CA ILE C 205 24.39 1.74 1.87
C ILE C 205 23.65 0.67 2.67
N PHE C 206 22.77 -0.06 1.98
CA PHE C 206 21.99 -1.13 2.61
C PHE C 206 22.93 -2.16 3.24
N LYS C 207 23.99 -2.52 2.52
CA LYS C 207 24.96 -3.48 3.01
C LYS C 207 25.67 -2.93 4.26
N GLU C 208 26.02 -1.65 4.21
CA GLU C 208 26.69 -1.00 5.33
C GLU C 208 25.88 -1.02 6.62
N LYS C 209 24.58 -0.78 6.51
CA LYS C 209 23.70 -0.74 7.67
C LYS C 209 23.11 -2.07 8.12
N CYS C 210 22.94 -3.00 7.20
CA CYS C 210 22.37 -4.30 7.53
C CYS C 210 23.18 -5.40 6.83
N PRO C 211 24.45 -5.57 7.22
CA PRO C 211 25.32 -6.57 6.61
C PRO C 211 24.77 -7.99 6.58
N TRP C 212 24.17 -8.42 7.68
CA TRP C 212 23.63 -9.79 7.76
C TRP C 212 22.47 -10.00 6.78
N THR C 213 21.56 -9.04 6.73
CA THR C 213 20.41 -9.15 5.83
C THR C 213 20.87 -9.10 4.38
N PHE C 214 21.80 -8.20 4.08
CA PHE C 214 22.27 -8.07 2.71
C PHE C 214 22.92 -9.36 2.23
N GLU C 215 23.74 -9.98 3.08
CA GLU C 215 24.41 -11.21 2.71
C GLU C 215 23.41 -12.33 2.52
N ALA C 216 22.46 -12.46 3.44
CA ALA C 216 21.46 -13.50 3.33
C ALA C 216 20.64 -13.28 2.06
N PHE C 217 20.41 -12.00 1.73
CA PHE C 217 19.66 -11.60 0.55
C PHE C 217 20.38 -12.07 -0.71
N LEU C 218 21.66 -11.76 -0.82
CA LEU C 218 22.45 -12.16 -1.97
C LEU C 218 22.50 -13.69 -2.09
N LYS C 219 22.56 -14.34 -0.95
CA LYS C 219 22.66 -15.79 -0.92
C LYS C 219 21.38 -16.55 -1.24
N TYR C 220 20.24 -16.09 -0.71
CA TYR C 220 19.00 -16.81 -0.92
C TYR C 220 17.86 -16.18 -1.70
N ALA C 221 17.83 -14.86 -1.81
CA ALA C 221 16.69 -14.22 -2.47
C ALA C 221 16.91 -13.30 -3.66
N TYR C 222 18.07 -12.65 -3.74
CA TYR C 222 18.35 -11.72 -4.82
C TYR C 222 18.17 -12.38 -6.19
N LYS C 223 17.31 -11.79 -7.02
CA LYS C 223 17.00 -12.32 -8.36
C LYS C 223 17.85 -11.73 -9.48
N GLY C 224 18.58 -10.65 -9.21
CA GLY C 224 19.38 -10.03 -10.26
C GLY C 224 20.73 -10.65 -10.50
N ASP C 225 21.53 -10.03 -11.36
CA ASP C 225 22.85 -10.55 -11.66
C ASP C 225 24.02 -9.74 -11.10
N ILE C 226 24.06 -8.45 -11.41
CA ILE C 226 25.17 -7.59 -11.00
C ILE C 226 25.67 -7.55 -9.55
N LEU C 227 24.81 -7.72 -8.56
CA LEU C 227 25.30 -7.65 -7.18
C LEU C 227 26.17 -8.84 -6.76
N LYS C 228 26.04 -9.97 -7.44
CA LYS C 228 26.86 -11.12 -7.11
C LYS C 228 28.18 -11.04 -7.86
N GLU C 229 28.27 -10.09 -8.77
CA GLU C 229 29.45 -9.88 -9.59
C GLU C 229 30.27 -8.70 -9.06
N VAL C 230 29.60 -7.59 -8.84
CA VAL C 230 30.24 -6.37 -8.36
C VAL C 230 30.27 -6.30 -6.83
N GLN C 231 31.47 -6.09 -6.29
CA GLN C 231 31.64 -6.00 -4.85
C GLN C 231 30.82 -4.88 -4.22
N VAL C 232 30.34 -5.14 -3.01
CA VAL C 232 29.53 -4.23 -2.20
C VAL C 232 28.54 -3.33 -2.95
N MET D 13 9.99 3.58 26.88
CA MET D 13 8.65 4.12 27.25
C MET D 13 7.58 3.04 27.10
N LYS D 14 7.05 2.61 28.23
CA LYS D 14 6.03 1.58 28.27
C LYS D 14 4.82 2.09 29.04
N ILE D 15 3.63 1.72 28.57
CA ILE D 15 2.38 2.13 29.22
C ILE D 15 1.49 0.90 29.33
N ASP D 16 1.07 0.59 30.56
CA ASP D 16 0.20 -0.56 30.78
C ASP D 16 -1.22 -0.25 30.35
N ILE D 17 -1.86 -1.23 29.73
CA ILE D 17 -3.23 -1.06 29.23
C ILE D 17 -4.09 -2.22 29.71
N LEU D 18 -5.33 -1.91 30.06
CA LEU D 18 -6.27 -2.92 30.54
C LEU D 18 -5.69 -3.58 31.79
N ASP D 19 -5.91 -4.89 31.96
CA ASP D 19 -5.40 -5.59 33.14
C ASP D 19 -4.05 -6.27 33.00
N LYS D 20 -3.68 -6.65 31.77
CA LYS D 20 -2.40 -7.32 31.56
C LYS D 20 -1.73 -6.89 30.26
N GLY D 21 -2.28 -5.85 29.62
CA GLY D 21 -1.70 -5.38 28.37
C GLY D 21 -0.73 -4.24 28.48
N PHE D 22 -0.18 -3.83 27.34
CA PHE D 22 0.75 -2.72 27.30
C PHE D 22 1.11 -2.30 25.89
N VAL D 23 1.70 -1.11 25.81
CA VAL D 23 2.17 -0.53 24.57
C VAL D 23 3.55 0.01 24.94
N GLU D 24 4.57 -0.43 24.22
CA GLU D 24 5.91 0.06 24.50
C GLU D 24 6.58 0.44 23.19
N LEU D 25 7.39 1.49 23.25
CA LEU D 25 8.10 1.98 22.08
C LEU D 25 9.38 1.17 21.88
N VAL D 26 9.51 0.54 20.72
CA VAL D 26 10.69 -0.26 20.43
C VAL D 26 11.74 0.60 19.73
N ASP D 27 11.28 1.45 18.82
CA ASP D 27 12.19 2.32 18.08
C ASP D 27 11.41 3.44 17.41
N VAL D 28 12.15 4.46 16.95
CA VAL D 28 11.56 5.56 16.26
C VAL D 28 12.60 6.13 15.32
N MET D 29 12.18 6.51 14.13
CA MET D 29 13.10 7.11 13.19
C MET D 29 12.69 8.55 12.98
N GLY D 30 13.59 9.46 13.33
CA GLY D 30 13.32 10.88 13.14
C GLY D 30 12.50 11.54 14.22
N ASN D 31 12.11 12.78 13.94
CA ASN D 31 11.30 13.57 14.85
C ASN D 31 10.57 14.62 14.01
N ASP D 32 10.10 15.70 14.65
CA ASP D 32 9.39 16.73 13.90
C ASP D 32 10.17 17.26 12.71
N LEU D 33 11.47 17.44 12.89
CA LEU D 33 12.31 17.96 11.82
C LEU D 33 12.45 17.03 10.63
N SER D 34 12.18 15.74 10.82
CA SER D 34 12.27 14.78 9.72
C SER D 34 11.20 15.12 8.68
N ALA D 35 10.04 15.58 9.16
CA ALA D 35 8.94 15.96 8.28
C ALA D 35 9.28 17.27 7.57
N VAL D 36 9.96 18.15 8.28
CA VAL D 36 10.37 19.43 7.73
C VAL D 36 11.38 19.22 6.61
N ARG D 37 12.42 18.45 6.91
CA ARG D 37 13.45 18.17 5.91
C ARG D 37 12.83 17.52 4.67
N ALA D 38 11.92 16.58 4.90
CA ALA D 38 11.26 15.90 3.79
C ALA D 38 10.44 16.89 2.95
N ALA D 39 9.65 17.73 3.63
CA ALA D 39 8.82 18.70 2.93
C ALA D 39 9.66 19.61 2.04
N ARG D 40 10.79 20.05 2.58
CA ARG D 40 11.71 20.94 1.86
C ARG D 40 12.66 20.16 0.96
N VAL D 41 12.63 18.83 1.05
CA VAL D 41 13.51 17.98 0.27
C VAL D 41 14.96 18.46 0.39
N SER D 42 15.40 18.67 1.61
CA SER D 42 16.77 19.14 1.86
C SER D 42 17.28 18.51 3.15
N PHE D 43 18.48 17.97 3.10
CA PHE D 43 19.07 17.34 4.27
C PHE D 43 19.59 18.38 5.27
N ASP D 44 20.35 19.35 4.81
CA ASP D 44 20.88 20.38 5.70
C ASP D 44 19.76 21.31 6.15
N MET D 45 20.13 22.37 6.85
CA MET D 45 19.15 23.35 7.33
C MET D 45 19.85 24.62 7.81
N GLY D 46 20.70 24.48 8.82
CA GLY D 46 21.42 25.63 9.35
C GLY D 46 20.58 26.46 10.31
N LEU D 47 21.00 26.53 11.57
CA LEU D 47 20.28 27.30 12.57
C LEU D 47 18.86 26.74 12.75
N ASP D 49 16.01 27.34 13.23
CA ASP D 49 14.91 28.30 13.26
C ASP D 49 13.61 27.57 13.58
N GLU D 50 13.35 27.36 14.87
CA GLU D 50 12.15 26.66 15.30
C GLU D 50 10.84 27.31 14.87
N GLU D 51 10.76 28.63 15.04
CA GLU D 51 9.55 29.36 14.66
C GLU D 51 9.14 29.05 13.23
N ARG D 52 10.11 29.06 12.32
CA ARG D 52 9.86 28.78 10.92
C ARG D 52 9.58 27.29 10.72
N ASP D 53 10.31 26.46 11.45
CA ASP D 53 10.12 25.02 11.33
C ASP D 53 8.71 24.59 11.73
N ARG D 54 8.27 25.03 12.90
CA ARG D 54 6.95 24.66 13.39
C ARG D 54 5.81 25.36 12.63
N HIS D 55 6.13 26.43 11.92
CA HIS D 55 5.11 27.13 11.16
C HIS D 55 4.84 26.28 9.91
N LEU D 56 5.90 25.70 9.36
CA LEU D 56 5.81 24.85 8.19
C LEU D 56 4.98 23.63 8.55
N ILE D 57 5.24 23.06 9.72
CA ILE D 57 4.51 21.88 10.17
C ILE D 57 3.02 22.16 10.29
N GLU D 58 2.66 23.35 10.78
CA GLU D 58 1.25 23.69 10.90
C GLU D 58 0.68 23.96 9.52
N TYR D 59 1.46 24.60 8.66
CA TYR D 59 1.03 24.87 7.31
C TYR D 59 0.64 23.55 6.63
N LEU D 60 1.53 22.55 6.74
CA LEU D 60 1.29 21.25 6.13
C LEU D 60 0.03 20.58 6.65
N MET D 61 -0.11 20.53 7.98
CA MET D 61 -1.25 19.91 8.62
C MET D 61 -2.55 20.63 8.22
N LYS D 62 -2.51 21.94 8.26
CA LYS D 62 -3.64 22.80 7.92
C LYS D 62 -4.19 22.52 6.52
N HIS D 63 -3.30 22.44 5.52
CA HIS D 63 -3.75 22.21 4.14
C HIS D 63 -3.87 20.76 3.71
N GLY D 64 -3.69 19.83 4.63
CA GLY D 64 -3.80 18.43 4.28
C GLY D 64 -2.62 17.86 3.51
N HIS D 65 -1.45 18.49 3.61
CA HIS D 65 -0.26 17.98 2.94
C HIS D 65 0.39 17.04 3.95
N GLU D 66 -0.01 15.78 3.96
CA GLU D 66 0.53 14.86 4.94
C GLU D 66 1.65 13.93 4.49
N THR D 67 2.02 13.94 3.21
CA THR D 67 3.09 13.05 2.77
C THR D 67 4.40 13.24 3.53
N PRO D 68 4.72 14.49 3.92
CA PRO D 68 5.98 14.70 4.66
C PRO D 68 6.04 13.90 5.96
N PHE D 69 4.87 13.65 6.56
CA PHE D 69 4.81 12.92 7.82
C PHE D 69 5.03 11.42 7.67
N GLU D 70 5.15 10.95 6.44
CA GLU D 70 5.40 9.54 6.16
C GLU D 70 6.86 9.21 6.41
N HIS D 71 7.66 10.25 6.67
CA HIS D 71 9.08 10.10 6.90
C HIS D 71 9.47 10.04 8.37
N ILE D 72 8.46 9.94 9.23
CA ILE D 72 8.70 9.78 10.65
C ILE D 72 8.14 8.38 10.84
N VAL D 73 8.89 7.49 11.48
CA VAL D 73 8.40 6.12 11.65
C VAL D 73 8.55 5.61 13.08
N PHE D 74 7.59 4.79 13.50
CA PHE D 74 7.60 4.22 14.84
C PHE D 74 7.47 2.69 14.83
N THR D 75 8.12 2.04 15.79
CA THR D 75 7.93 0.60 15.93
C THR D 75 7.45 0.39 17.36
N PHE D 76 6.24 -0.15 17.50
CA PHE D 76 5.66 -0.41 18.81
C PHE D 76 5.57 -1.92 19.07
N HIS D 77 5.60 -2.28 20.35
CA HIS D 77 5.44 -3.67 20.77
C HIS D 77 4.14 -3.57 21.58
N VAL D 78 3.12 -4.28 21.11
CA VAL D 78 1.81 -4.25 21.75
C VAL D 78 1.35 -5.59 22.29
N LYS D 79 0.73 -5.55 23.47
CA LYS D 79 0.17 -6.73 24.11
C LYS D 79 -1.30 -6.37 24.27
N ALA D 80 -2.16 -7.06 23.53
CA ALA D 80 -3.59 -6.76 23.58
C ALA D 80 -4.43 -7.99 23.35
N PRO D 81 -5.70 -7.95 23.79
CA PRO D 81 -6.62 -9.08 23.62
C PRO D 81 -6.84 -9.23 22.11
N ILE D 82 -7.07 -10.44 21.64
CA ILE D 82 -7.30 -10.65 20.22
C ILE D 82 -8.43 -9.81 19.62
N PHE D 83 -9.52 -9.61 20.34
CA PHE D 83 -10.61 -8.81 19.77
C PHE D 83 -10.17 -7.37 19.50
N VAL D 84 -9.25 -6.86 20.31
CA VAL D 84 -8.74 -5.51 20.10
C VAL D 84 -7.78 -5.54 18.91
N ALA D 85 -6.92 -6.56 18.88
CA ALA D 85 -5.95 -6.70 17.79
C ALA D 85 -6.66 -6.78 16.43
N ARG D 86 -7.71 -7.58 16.34
CA ARG D 86 -8.44 -7.71 15.08
C ARG D 86 -8.91 -6.35 14.54
N GLN D 87 -9.36 -5.48 15.44
CA GLN D 87 -9.81 -4.15 15.03
C GLN D 87 -8.58 -3.35 14.59
N TRP D 88 -7.52 -3.47 15.38
CA TRP D 88 -6.28 -2.77 15.10
C TRP D 88 -5.71 -3.14 13.73
N PHE D 89 -5.62 -4.43 13.45
CA PHE D 89 -5.07 -4.90 12.18
C PHE D 89 -5.84 -4.46 10.93
N ARG D 90 -7.02 -3.87 11.12
CA ARG D 90 -7.80 -3.39 9.98
C ARG D 90 -7.12 -2.15 9.35
N HIS D 91 -6.12 -1.62 10.04
CA HIS D 91 -5.35 -0.47 9.55
C HIS D 91 -4.21 -1.09 8.74
N ARG D 92 -4.44 -1.20 7.44
CA ARG D 92 -3.51 -1.83 6.48
C ARG D 92 -2.20 -1.13 6.13
N ILE D 93 -2.15 0.19 6.23
CA ILE D 93 -0.92 0.90 5.87
C ILE D 93 0.07 0.89 7.03
N ALA D 94 0.59 -0.29 7.31
CA ALA D 94 1.55 -0.48 8.38
C ALA D 94 2.10 -1.90 8.27
N SER D 95 3.05 -2.24 9.12
CA SER D 95 3.65 -3.56 9.11
C SER D 95 3.44 -4.23 10.46
N TYR D 96 2.99 -5.49 10.42
CA TYR D 96 2.72 -6.24 11.64
C TYR D 96 3.40 -7.60 11.67
N ASN D 97 3.78 -8.00 12.87
CA ASN D 97 4.37 -9.31 13.10
C ASN D 97 3.78 -9.74 14.42
N GLU D 98 2.91 -10.74 14.37
CA GLU D 98 2.24 -11.23 15.57
C GLU D 98 2.92 -12.45 16.13
N LEU D 99 2.86 -12.55 17.46
CA LEU D 99 3.46 -13.64 18.20
C LEU D 99 3.15 -15.00 17.60
N SER D 100 4.17 -15.85 17.55
CA SER D 100 4.04 -17.19 17.02
C SER D 100 4.90 -18.15 17.81
N GLY D 101 4.34 -19.32 18.11
CA GLY D 101 5.09 -20.32 18.85
C GLY D 101 6.26 -20.83 18.03
N ARG D 102 6.27 -20.48 16.75
CA ARG D 102 7.34 -20.92 15.87
C ARG D 102 8.67 -20.23 16.11
N TYR D 103 8.65 -19.06 16.75
CA TYR D 103 9.88 -18.33 17.01
C TYR D 103 10.04 -17.88 18.47
N SER D 104 8.94 -17.88 19.21
CA SER D 104 8.98 -17.47 20.61
C SER D 104 8.08 -18.33 21.46
N LYS D 105 8.26 -18.26 22.77
CA LYS D 105 7.43 -19.05 23.67
C LYS D 105 6.06 -18.41 23.78
N LEU D 106 5.01 -19.23 23.85
CA LEU D 106 3.64 -18.72 23.94
C LEU D 106 3.16 -18.59 25.39
N SER D 107 2.42 -17.52 25.67
CA SER D 107 1.88 -17.27 27.00
C SER D 107 0.36 -17.33 26.92
N TYR D 108 -0.29 -17.62 28.05
CA TYR D 108 -1.75 -17.72 28.08
C TYR D 108 -2.41 -16.86 29.15
N GLU D 109 -2.78 -15.64 28.77
CA GLU D 109 -3.44 -14.73 29.69
C GLU D 109 -4.69 -14.18 29.02
N PHE D 110 -5.67 -13.79 29.81
CA PHE D 110 -6.91 -13.29 29.27
C PHE D 110 -7.35 -11.95 29.87
N TYR D 111 -7.99 -11.13 29.04
CA TYR D 111 -8.49 -9.83 29.50
C TYR D 111 -9.79 -9.98 30.26
N ILE D 112 -9.74 -9.73 31.57
CA ILE D 112 -10.92 -9.80 32.41
C ILE D 112 -11.34 -8.38 32.72
N PRO D 113 -12.49 -7.96 32.19
CA PRO D 113 -13.03 -6.60 32.39
C PRO D 113 -13.24 -6.28 33.88
N SER D 114 -13.00 -5.04 34.25
CA SER D 114 -13.21 -4.61 35.63
C SER D 114 -14.69 -4.27 35.79
N PRO D 115 -15.23 -4.38 37.02
CA PRO D 115 -16.65 -4.06 37.21
C PRO D 115 -17.00 -2.69 36.67
N GLU D 116 -16.07 -1.75 36.83
CA GLU D 116 -16.23 -0.37 36.38
C GLU D 116 -16.52 -0.29 34.88
N ARG D 117 -15.98 -1.25 34.13
CA ARG D 117 -16.17 -1.29 32.68
C ARG D 117 -17.67 -1.37 32.36
N LEU D 118 -18.45 -1.90 33.28
CA LEU D 118 -19.89 -2.03 33.07
C LEU D 118 -20.72 -0.89 33.65
N GLU D 119 -20.05 0.11 34.23
CA GLU D 119 -20.75 1.25 34.78
C GLU D 119 -21.51 1.92 33.65
N GLY D 120 -22.58 2.62 33.99
CA GLY D 120 -23.36 3.29 32.96
C GLY D 120 -24.34 2.31 32.33
N TYR D 121 -24.15 1.03 32.65
CA TYR D 121 -25.04 -0.01 32.14
C TYR D 121 -25.84 -0.62 33.28
N LYS D 122 -27.16 -0.56 33.15
CA LYS D 122 -28.02 -1.12 34.18
C LYS D 122 -28.21 -2.60 33.90
N THR D 123 -27.29 -3.41 34.42
CA THR D 123 -27.33 -4.85 34.22
C THR D 123 -27.97 -5.57 35.40
N THR D 124 -28.85 -6.52 35.10
CA THR D 124 -29.52 -7.29 36.14
C THR D 124 -28.50 -8.15 36.90
N ILE D 125 -27.25 -8.12 36.44
CA ILE D 125 -26.17 -8.86 37.08
C ILE D 125 -25.14 -7.88 37.58
N PRO D 126 -24.85 -7.90 38.88
CA PRO D 126 -23.83 -6.97 39.42
C PRO D 126 -22.59 -7.00 38.53
N PRO D 127 -22.08 -5.82 38.14
CA PRO D 127 -20.89 -5.71 37.30
C PRO D 127 -19.77 -6.65 37.76
N GLU D 128 -19.58 -6.72 39.07
CA GLU D 128 -18.55 -7.54 39.67
C GLU D 128 -18.83 -9.04 39.47
N ARG D 129 -20.08 -9.37 39.18
CA ARG D 129 -20.45 -10.77 38.95
C ARG D 129 -20.25 -11.11 37.48
N VAL D 130 -20.35 -10.11 36.62
CA VAL D 130 -20.14 -10.32 35.18
C VAL D 130 -18.66 -10.62 35.00
N THR D 131 -17.84 -9.88 35.75
CA THR D 131 -16.39 -10.04 35.72
C THR D 131 -16.08 -11.49 36.07
N GLU D 132 -16.81 -11.98 37.07
CA GLU D 132 -16.67 -13.34 37.58
C GLU D 132 -17.08 -14.38 36.55
N LYS D 133 -18.20 -14.16 35.86
CA LYS D 133 -18.67 -15.11 34.86
C LYS D 133 -17.69 -15.21 33.70
N ILE D 134 -17.08 -14.08 33.33
CA ILE D 134 -16.12 -14.09 32.23
C ILE D 134 -14.88 -14.91 32.62
N SER D 135 -14.34 -14.64 33.81
CA SER D 135 -13.18 -15.39 34.28
C SER D 135 -13.51 -16.87 34.31
N GLU D 136 -14.74 -17.19 34.70
CA GLU D 136 -15.22 -18.55 34.78
C GLU D 136 -15.12 -19.26 33.44
N ILE D 137 -15.73 -18.68 32.41
CA ILE D 137 -15.69 -19.28 31.08
C ILE D 137 -14.26 -19.40 30.56
N VAL D 138 -13.46 -18.36 30.80
CA VAL D 138 -12.08 -18.35 30.37
C VAL D 138 -11.32 -19.54 30.96
N ASP D 139 -11.42 -19.69 32.29
CA ASP D 139 -10.75 -20.77 32.98
C ASP D 139 -11.14 -22.15 32.44
N LYS D 140 -12.42 -22.34 32.13
CA LYS D 140 -12.89 -23.61 31.61
C LYS D 140 -12.43 -23.85 30.17
N ALA D 141 -12.46 -22.81 29.35
CA ALA D 141 -12.02 -22.96 27.96
C ALA D 141 -10.54 -23.33 27.96
N TYR D 142 -9.78 -22.64 28.79
CA TYR D 142 -8.35 -22.87 28.92
C TYR D 142 -8.04 -24.29 29.41
N ARG D 143 -8.84 -24.76 30.37
CA ARG D 143 -8.64 -26.11 30.90
C ARG D 143 -8.94 -27.15 29.82
N THR D 144 -9.98 -26.91 29.02
CA THR D 144 -10.34 -27.83 27.94
C THR D 144 -9.16 -27.87 26.98
N TYR D 145 -8.62 -26.68 26.69
CA TYR D 145 -7.50 -26.53 25.79
C TYR D 145 -6.32 -27.41 26.23
N LEU D 146 -5.92 -27.26 27.49
CA LEU D 146 -4.81 -28.04 28.04
C LEU D 146 -5.11 -29.52 27.95
N GLU D 147 -6.35 -29.89 28.24
CA GLU D 147 -6.76 -31.29 28.18
C GLU D 147 -6.63 -31.84 26.76
N LEU D 148 -6.96 -31.01 25.77
CA LEU D 148 -6.86 -31.45 24.38
C LEU D 148 -5.39 -31.67 24.05
N ILE D 149 -4.55 -30.74 24.48
CA ILE D 149 -3.11 -30.82 24.26
C ILE D 149 -2.58 -32.13 24.83
N GLU D 150 -3.02 -32.45 26.05
CA GLU D 150 -2.61 -33.65 26.76
C GLU D 150 -2.96 -34.92 26.00
N SER D 151 -4.10 -34.91 25.32
CA SER D 151 -4.56 -36.06 24.55
C SER D 151 -3.82 -36.25 23.24
N GLY D 152 -2.97 -35.29 22.90
CA GLY D 152 -2.23 -35.40 21.65
C GLY D 152 -2.81 -34.58 20.50
N VAL D 153 -3.65 -33.60 20.82
CA VAL D 153 -4.22 -32.75 19.77
C VAL D 153 -3.24 -31.60 19.55
N PRO D 154 -2.86 -31.35 18.29
CA PRO D 154 -1.92 -30.26 18.00
C PRO D 154 -2.50 -28.90 18.39
N ARG D 155 -1.63 -27.99 18.79
CA ARG D 155 -2.04 -26.65 19.20
C ARG D 155 -2.91 -25.91 18.20
N GLU D 156 -2.58 -26.01 16.92
CA GLU D 156 -3.34 -25.31 15.87
C GLU D 156 -4.83 -25.67 15.88
N VAL D 157 -5.16 -26.84 16.41
CA VAL D 157 -6.55 -27.28 16.48
C VAL D 157 -7.14 -27.00 17.85
N ALA D 158 -6.40 -27.35 18.90
CA ALA D 158 -6.85 -27.16 20.28
C ALA D 158 -7.15 -25.72 20.65
N ARG D 159 -6.31 -24.79 20.18
CA ARG D 159 -6.47 -23.37 20.49
C ARG D 159 -7.75 -22.74 19.97
N ILE D 160 -8.45 -23.42 19.06
CA ILE D 160 -9.66 -22.84 18.52
C ILE D 160 -10.80 -22.71 19.52
N VAL D 161 -10.66 -23.32 20.69
CA VAL D 161 -11.70 -23.21 21.72
C VAL D 161 -11.42 -22.04 22.67
N LEU D 162 -10.25 -21.42 22.54
CA LEU D 162 -9.90 -20.29 23.41
C LEU D 162 -10.72 -19.05 23.04
N PRO D 163 -11.11 -18.23 24.03
CA PRO D 163 -11.90 -17.02 23.83
C PRO D 163 -11.18 -15.84 23.18
N LEU D 164 -11.98 -14.93 22.61
CA LEU D 164 -11.44 -13.75 21.93
C LEU D 164 -10.72 -12.79 22.86
N ASN D 165 -10.80 -13.01 24.17
CA ASN D 165 -10.13 -12.11 25.10
C ASN D 165 -8.73 -12.59 25.45
N LEU D 166 -8.29 -13.65 24.76
CA LEU D 166 -6.95 -14.17 24.95
C LEU D 166 -5.98 -13.08 24.52
N TYR D 167 -4.91 -12.89 25.28
CA TYR D 167 -3.93 -11.86 24.94
C TYR D 167 -2.95 -12.31 23.86
N THR D 168 -2.60 -11.39 22.97
CA THR D 168 -1.63 -11.68 21.93
C THR D 168 -0.64 -10.53 21.91
N ARG D 169 0.45 -10.68 21.17
CA ARG D 169 1.44 -9.62 21.08
C ARG D 169 1.91 -9.44 19.64
N PHE D 170 2.27 -8.22 19.30
CA PHE D 170 2.73 -7.94 17.95
C PHE D 170 3.59 -6.70 17.90
N PHE D 171 4.42 -6.64 16.85
CA PHE D 171 5.27 -5.50 16.60
C PHE D 171 4.49 -4.74 15.54
N TRP D 172 4.47 -3.42 15.67
CA TRP D 172 3.74 -2.58 14.74
C TRP D 172 4.62 -1.43 14.28
N THR D 173 4.98 -1.43 13.00
CA THR D 173 5.79 -0.34 12.45
C THR D 173 4.86 0.49 11.57
N VAL D 174 4.78 1.79 11.86
CA VAL D 174 3.85 2.68 11.17
C VAL D 174 4.40 4.10 11.08
N ASN D 175 4.18 4.79 9.96
CA ASN D 175 4.69 6.16 9.85
C ASN D 175 3.70 7.11 10.52
N ALA D 176 4.13 8.34 10.78
CA ALA D 176 3.29 9.33 11.45
C ALA D 176 1.95 9.59 10.77
N ARG D 177 1.95 9.64 9.44
CA ARG D 177 0.72 9.87 8.70
C ARG D 177 -0.30 8.77 8.99
N SER D 178 0.11 7.53 8.82
CA SER D 178 -0.77 6.40 9.08
C SER D 178 -1.15 6.37 10.55
N LEU D 179 -0.23 6.81 11.40
CA LEU D 179 -0.49 6.83 12.83
C LEU D 179 -1.62 7.83 13.17
N MET D 180 -1.63 8.98 12.50
CA MET D 180 -2.67 9.97 12.76
C MET D 180 -4.04 9.51 12.27
N ASN D 181 -4.07 8.72 11.20
CA ASN D 181 -5.33 8.19 10.69
C ASN D 181 -5.86 7.18 11.72
N PHE D 182 -4.95 6.40 12.29
CA PHE D 182 -5.28 5.41 13.30
C PHE D 182 -5.97 6.11 14.48
N LEU D 183 -5.34 7.17 14.97
CA LEU D 183 -5.89 7.94 16.08
C LEU D 183 -7.24 8.54 15.73
N ASN D 184 -7.37 9.04 14.52
CA ASN D 184 -8.64 9.62 14.09
C ASN D 184 -9.81 8.66 14.20
N LEU D 185 -9.53 7.38 14.01
CA LEU D 185 -10.57 6.36 14.08
C LEU D 185 -10.68 5.65 15.44
N ARG D 186 -9.55 5.44 16.10
CA ARG D 186 -9.56 4.75 17.38
C ARG D 186 -9.55 5.62 18.64
N ALA D 187 -8.94 6.80 18.55
CA ALA D 187 -8.90 7.70 19.69
C ALA D 187 -10.19 8.51 19.61
N ASP D 188 -11.32 7.82 19.69
CA ASP D 188 -12.62 8.47 19.61
C ASP D 188 -13.66 7.69 20.41
N SER D 189 -14.60 8.42 21.02
CA SER D 189 -15.66 7.79 21.82
C SER D 189 -16.49 6.77 21.06
N HIS D 190 -16.44 6.82 19.73
CA HIS D 190 -17.21 5.90 18.91
C HIS D 190 -16.52 4.54 18.77
N ALA D 191 -15.22 4.50 19.06
CA ALA D 191 -14.48 3.24 18.98
C ALA D 191 -14.75 2.50 20.29
N GLN D 192 -14.59 1.18 20.28
CA GLN D 192 -14.82 0.42 21.49
C GLN D 192 -13.85 0.94 22.55
N TRP D 193 -14.31 1.00 23.80
CA TRP D 193 -13.50 1.51 24.91
C TRP D 193 -12.09 0.90 24.98
N GLU D 194 -12.02 -0.42 24.91
CA GLU D 194 -10.72 -1.09 24.98
C GLU D 194 -9.71 -0.52 23.97
N ILE D 195 -10.11 -0.33 22.71
CA ILE D 195 -9.19 0.20 21.71
C ILE D 195 -8.88 1.67 21.97
N GLN D 196 -9.84 2.39 22.55
CA GLN D 196 -9.62 3.79 22.86
C GLN D 196 -8.43 3.94 23.81
N GLN D 197 -8.35 3.03 24.79
CA GLN D 197 -7.28 3.06 25.78
C GLN D 197 -5.91 2.81 25.15
N TYR D 198 -5.86 1.91 24.17
CA TYR D 198 -4.60 1.62 23.48
C TYR D 198 -4.24 2.82 22.60
N ALA D 199 -5.25 3.42 21.96
CA ALA D 199 -5.02 4.58 21.11
C ALA D 199 -4.49 5.76 21.92
N LEU D 200 -4.99 5.90 23.15
CA LEU D 200 -4.52 6.98 24.03
C LEU D 200 -3.03 6.81 24.29
N ALA D 201 -2.63 5.58 24.62
CA ALA D 201 -1.22 5.28 24.89
C ALA D 201 -0.35 5.61 23.66
N ILE D 202 -0.82 5.22 22.49
CA ILE D 202 -0.10 5.47 21.24
C ILE D 202 0.04 6.98 21.02
N ALA D 203 -1.04 7.72 21.28
CA ALA D 203 -1.05 9.17 21.13
C ALA D 203 -0.05 9.84 22.07
N ARG D 204 0.07 9.28 23.26
CA ARG D 204 0.97 9.79 24.28
C ARG D 204 2.43 9.66 23.84
N ILE D 205 2.78 8.49 23.33
CA ILE D 205 4.15 8.25 22.86
C ILE D 205 4.43 9.12 21.64
N PHE D 206 3.44 9.24 20.76
CA PHE D 206 3.58 10.06 19.57
C PHE D 206 3.86 11.52 19.97
N LYS D 207 3.09 12.03 20.92
CA LYS D 207 3.27 13.41 21.38
C LYS D 207 4.66 13.62 21.96
N GLU D 208 5.15 12.62 22.70
CA GLU D 208 6.46 12.70 23.32
C GLU D 208 7.62 12.83 22.32
N LYS D 209 7.54 12.08 21.22
CA LYS D 209 8.60 12.10 20.21
C LYS D 209 8.43 13.17 19.13
N CYS D 210 7.19 13.59 18.88
CA CYS D 210 6.90 14.59 17.87
C CYS D 210 5.91 15.60 18.42
N PRO D 211 6.31 16.38 19.44
CA PRO D 211 5.40 17.36 20.04
C PRO D 211 4.77 18.35 19.07
N TRP D 212 5.57 18.87 18.14
CA TRP D 212 5.06 19.84 17.16
C TRP D 212 4.01 19.24 16.24
N THR D 213 4.34 18.10 15.64
CA THR D 213 3.42 17.43 14.75
C THR D 213 2.14 17.09 15.50
N PHE D 214 2.29 16.56 16.71
CA PHE D 214 1.15 16.16 17.52
C PHE D 214 0.26 17.36 17.88
N GLU D 215 0.88 18.49 18.22
CA GLU D 215 0.12 19.67 18.59
C GLU D 215 -0.68 20.15 17.38
N ALA D 216 -0.02 20.23 16.23
CA ALA D 216 -0.66 20.70 15.00
C ALA D 216 -1.82 19.77 14.61
N PHE D 217 -1.61 18.47 14.83
CA PHE D 217 -2.61 17.46 14.52
C PHE D 217 -3.90 17.70 15.31
N LEU D 218 -3.74 17.93 16.60
CA LEU D 218 -4.89 18.19 17.46
C LEU D 218 -5.59 19.48 17.05
N LYS D 219 -4.82 20.47 16.63
CA LYS D 219 -5.39 21.74 16.25
C LYS D 219 -6.12 21.79 14.92
N TYR D 220 -5.56 21.18 13.88
CA TYR D 220 -6.19 21.25 12.57
C TYR D 220 -6.81 19.99 11.98
N ALA D 221 -6.28 18.81 12.31
CA ALA D 221 -6.77 17.58 11.69
C ALA D 221 -7.45 16.52 12.54
N TYR D 222 -7.09 16.39 13.80
CA TYR D 222 -7.70 15.36 14.65
C TYR D 222 -9.23 15.34 14.54
N LYS D 223 -9.76 14.20 14.10
CA LYS D 223 -11.20 14.04 13.94
C LYS D 223 -11.93 13.48 15.16
N GLY D 224 -11.19 12.83 16.04
CA GLY D 224 -11.77 12.24 17.23
C GLY D 224 -12.17 13.24 18.29
N ASP D 225 -12.49 12.75 19.48
CA ASP D 225 -12.92 13.64 20.56
C ASP D 225 -12.19 13.46 21.90
N ILE D 226 -11.77 12.24 22.24
CA ILE D 226 -11.11 12.00 23.51
C ILE D 226 -9.70 12.57 23.67
N LEU D 227 -8.98 12.75 22.58
CA LEU D 227 -7.63 13.30 22.68
C LEU D 227 -7.64 14.77 23.09
#